data_2GTR
#
_entry.id   2GTR
#
_cell.length_a   76.207
_cell.length_b   132.739
_cell.length_c   100.361
_cell.angle_alpha   90.00
_cell.angle_beta   102.92
_cell.angle_gamma   90.00
#
_symmetry.space_group_name_H-M   'C 1 2 1'
#
loop_
_entity.id
_entity.type
_entity.pdbx_description
1 polymer 'Chromodomain Y-like protein'
2 water water
#
_entity_poly.entity_id   1
_entity_poly.type   'polypeptide(L)'
_entity_poly.pdbx_seq_one_letter_code
;AYRYRDIVVRKQDGFTHILLSTKSSENNSLNPEVMREVQSALSTAAADDSKLVLLSAVGSVFCCGLDFIYFIRRLTDDRK
RESTKMAEAIRNFVNTFIQFKKPIIVAVNGPAIGLGASILPLCDVVWANEKAWFQTPYTTFGQSPDGCSTVMFPKIMGGA
SANEMLLSGRKLTAQEACGKGLVSQVFWPGTFTQEVMVRIKELASCNPVVLEESKALVRCNMKMELEQANERECEVLKKI
WGSAQGMDSMLKYLQRKIDEF
;
_entity_poly.pdbx_strand_id   A,B,C
#
# COMPACT_ATOMS: atom_id res chain seq x y z
N ARG A 3 -36.10 -18.85 -6.89
CA ARG A 3 -36.62 -17.54 -7.37
C ARG A 3 -35.48 -16.54 -7.69
N TYR A 4 -34.30 -16.57 -7.03
CA TYR A 4 -33.18 -15.80 -7.64
C TYR A 4 -32.92 -16.38 -9.01
N ARG A 5 -32.70 -15.53 -9.98
CA ARG A 5 -32.49 -15.98 -11.34
C ARG A 5 -30.99 -15.97 -11.72
N ASP A 6 -30.23 -15.03 -11.17
CA ASP A 6 -28.89 -14.75 -11.67
C ASP A 6 -27.76 -15.19 -10.73
N ILE A 7 -28.15 -15.66 -9.55
CA ILE A 7 -27.23 -16.17 -8.52
C ILE A 7 -27.76 -17.48 -7.92
N VAL A 8 -26.87 -18.27 -7.33
CA VAL A 8 -27.26 -19.41 -6.55
C VAL A 8 -26.80 -19.12 -5.13
N VAL A 9 -27.70 -19.33 -4.18
CA VAL A 9 -27.32 -19.11 -2.79
C VAL A 9 -27.47 -20.38 -1.95
N ARG A 10 -26.47 -20.70 -1.14
CA ARG A 10 -26.53 -21.88 -0.30
C ARG A 10 -26.09 -21.50 1.11
N LYS A 11 -26.89 -21.86 2.10
CA LYS A 11 -26.53 -21.57 3.47
C LYS A 11 -26.31 -22.85 4.28
N GLN A 12 -25.10 -23.10 4.76
CA GLN A 12 -24.78 -24.40 5.37
C GLN A 12 -23.49 -24.24 6.13
N ASP A 13 -23.25 -25.08 7.14
CA ASP A 13 -21.96 -25.11 7.84
C ASP A 13 -21.44 -23.73 8.34
N GLY A 14 -22.37 -22.86 8.78
CA GLY A 14 -22.04 -21.56 9.38
C GLY A 14 -21.74 -20.35 8.45
N PHE A 15 -22.07 -20.44 7.17
CA PHE A 15 -21.74 -19.41 6.21
C PHE A 15 -22.72 -19.47 5.03
N THR A 16 -22.86 -18.34 4.37
CA THR A 16 -23.60 -18.27 3.13
C THR A 16 -22.67 -18.26 1.94
N HIS A 17 -23.01 -19.12 0.99
CA HIS A 17 -22.29 -19.15 -0.25
C HIS A 17 -23.15 -18.59 -1.39
N ILE A 18 -22.66 -17.50 -1.96
CA ILE A 18 -23.30 -16.84 -3.09
C ILE A 18 -22.45 -17.12 -4.31
N LEU A 19 -23.10 -17.66 -5.32
CA LEU A 19 -22.42 -17.95 -6.60
C LEU A 19 -23.05 -17.16 -7.72
N LEU A 20 -22.23 -16.35 -8.39
CA LEU A 20 -22.66 -15.59 -9.56
C LEU A 20 -22.89 -16.58 -10.70
N SER A 21 -24.08 -16.51 -11.31
CA SER A 21 -24.45 -17.47 -12.35
C SER A 21 -25.50 -16.83 -13.25
N THR A 22 -25.09 -15.83 -14.00
CA THR A 22 -26.07 -14.88 -14.55
C THR A 22 -26.75 -15.47 -15.78
N LYS A 23 -28.06 -15.25 -15.83
CA LYS A 23 -28.91 -15.71 -16.94
C LYS A 23 -29.54 -14.51 -17.68
N SER A 24 -29.80 -13.41 -16.97
CA SER A 24 -30.26 -12.16 -17.62
C SER A 24 -29.15 -11.41 -18.38
N SER A 25 -27.91 -11.82 -18.17
CA SER A 25 -26.77 -11.26 -18.88
C SER A 25 -25.78 -12.41 -19.09
N GLU A 26 -24.94 -12.29 -20.10
CA GLU A 26 -23.99 -13.34 -20.41
C GLU A 26 -22.72 -13.21 -19.60
N ASN A 27 -22.08 -14.35 -19.35
CA ASN A 27 -20.73 -14.37 -18.82
C ASN A 27 -20.56 -13.67 -17.49
N ASN A 28 -21.52 -13.86 -16.60
CA ASN A 28 -21.52 -13.17 -15.31
C ASN A 28 -21.27 -11.67 -15.42
N SER A 29 -21.93 -11.04 -16.37
CA SER A 29 -21.89 -9.58 -16.49
C SER A 29 -22.92 -8.97 -15.54
N LEU A 30 -22.71 -7.73 -15.14
CA LEU A 30 -23.63 -7.06 -14.20
C LEU A 30 -24.63 -6.18 -14.95
N ASN A 31 -25.88 -6.29 -14.55
CA ASN A 31 -26.90 -5.32 -14.91
C ASN A 31 -27.67 -4.96 -13.59
N PRO A 32 -28.57 -3.95 -13.62
CA PRO A 32 -29.22 -3.69 -12.33
C PRO A 32 -29.97 -4.85 -11.65
N GLU A 33 -30.55 -5.76 -12.43
N GLU A 33 -30.56 -5.77 -12.42
CA GLU A 33 -31.22 -6.96 -11.89
CA GLU A 33 -31.22 -6.96 -11.86
C GLU A 33 -30.24 -7.90 -11.13
C GLU A 33 -30.22 -7.86 -11.09
N VAL A 34 -29.06 -8.16 -11.72
CA VAL A 34 -28.03 -8.98 -11.04
C VAL A 34 -27.55 -8.28 -9.76
N MET A 35 -27.29 -7.00 -9.85
CA MET A 35 -26.82 -6.20 -8.73
C MET A 35 -27.81 -6.24 -7.57
N ARG A 36 -29.10 -6.19 -7.88
CA ARG A 36 -30.14 -6.24 -6.84
C ARG A 36 -30.25 -7.56 -6.13
N GLU A 37 -30.14 -8.65 -6.89
CA GLU A 37 -30.10 -9.96 -6.29
C GLU A 37 -28.89 -10.18 -5.36
N VAL A 38 -27.67 -9.79 -5.76
CA VAL A 38 -26.52 -9.81 -4.83
C VAL A 38 -26.81 -8.98 -3.57
N GLN A 39 -27.35 -7.76 -3.72
CA GLN A 39 -27.66 -6.97 -2.54
C GLN A 39 -28.66 -7.69 -1.64
N SER A 40 -29.72 -8.26 -2.22
CA SER A 40 -30.71 -9.02 -1.44
C SER A 40 -30.04 -10.21 -0.72
N ALA A 41 -29.22 -10.97 -1.43
CA ALA A 41 -28.56 -12.11 -0.78
C ALA A 41 -27.61 -11.70 0.38
N LEU A 42 -26.86 -10.61 0.20
CA LEU A 42 -25.97 -10.09 1.22
C LEU A 42 -26.78 -9.51 2.40
N SER A 43 -27.87 -8.81 2.09
CA SER A 43 -28.81 -8.35 3.16
C SER A 43 -29.32 -9.45 4.09
N THR A 44 -29.76 -10.57 3.49
CA THR A 44 -30.17 -11.74 4.28
C THR A 44 -29.00 -12.30 5.13
N ALA A 45 -27.79 -12.43 4.52
CA ALA A 45 -26.63 -12.97 5.24
C ALA A 45 -26.26 -12.03 6.37
N ALA A 46 -26.48 -10.73 6.21
CA ALA A 46 -26.07 -9.80 7.24
C ALA A 46 -26.99 -9.96 8.47
N ALA A 47 -28.21 -10.40 8.22
CA ALA A 47 -29.22 -10.51 9.27
C ALA A 47 -29.37 -11.92 9.84
N ASP A 48 -28.82 -12.96 9.20
CA ASP A 48 -29.04 -14.29 9.74
C ASP A 48 -27.83 -14.76 10.54
N ASP A 49 -27.73 -16.06 10.87
CA ASP A 49 -26.60 -16.45 11.69
C ASP A 49 -25.31 -16.76 10.94
N SER A 50 -25.31 -16.58 9.62
CA SER A 50 -24.08 -16.65 8.83
C SER A 50 -22.91 -16.00 9.54
N LYS A 51 -21.79 -16.73 9.62
CA LYS A 51 -20.59 -16.14 10.23
C LYS A 51 -19.80 -15.31 9.22
N LEU A 52 -19.97 -15.62 7.94
CA LEU A 52 -19.26 -15.01 6.84
C LEU A 52 -19.96 -15.37 5.51
N VAL A 53 -19.57 -14.68 4.43
CA VAL A 53 -20.06 -15.00 3.09
C VAL A 53 -18.91 -15.42 2.22
N LEU A 54 -19.12 -16.49 1.48
CA LEU A 54 -18.18 -16.84 0.43
C LEU A 54 -18.85 -16.48 -0.89
N LEU A 55 -18.17 -15.65 -1.68
CA LEU A 55 -18.63 -15.28 -3.00
C LEU A 55 -17.74 -15.97 -4.08
N SER A 56 -18.38 -16.70 -4.98
CA SER A 56 -17.63 -17.30 -6.09
C SER A 56 -18.49 -17.28 -7.36
N ALA A 57 -18.07 -17.94 -8.43
CA ALA A 57 -18.81 -17.85 -9.69
C ALA A 57 -18.92 -19.23 -10.33
N VAL A 58 -20.06 -19.47 -10.99
CA VAL A 58 -20.25 -20.63 -11.83
C VAL A 58 -19.69 -20.34 -13.22
N GLY A 59 -18.91 -21.30 -13.77
CA GLY A 59 -18.41 -21.20 -15.14
C GLY A 59 -17.03 -20.57 -15.25
N SER A 60 -16.61 -20.20 -16.46
CA SER A 60 -15.23 -19.86 -16.70
C SER A 60 -14.91 -18.37 -16.49
N VAL A 61 -15.89 -17.53 -16.12
CA VAL A 61 -15.63 -16.07 -15.90
C VAL A 61 -16.08 -15.76 -14.47
N PHE A 62 -15.27 -15.04 -13.70
CA PHE A 62 -15.77 -14.66 -12.36
C PHE A 62 -16.88 -13.60 -12.57
N CYS A 63 -16.50 -12.50 -13.24
CA CYS A 63 -17.39 -11.33 -13.44
C CYS A 63 -16.81 -10.38 -14.47
N CYS A 64 -17.54 -10.21 -15.58
CA CYS A 64 -17.21 -9.33 -16.71
C CYS A 64 -17.48 -7.85 -16.47
N GLY A 65 -18.00 -7.49 -15.30
CA GLY A 65 -18.32 -6.09 -14.99
C GLY A 65 -19.59 -5.73 -15.73
N LEU A 66 -19.77 -4.45 -15.97
CA LEU A 66 -21.02 -3.95 -16.49
C LEU A 66 -21.35 -4.55 -17.88
N ASP A 67 -22.59 -4.96 -18.13
CA ASP A 67 -23.03 -5.38 -19.50
C ASP A 67 -23.36 -4.12 -20.32
N PHE A 68 -22.38 -3.61 -21.09
CA PHE A 68 -22.54 -2.39 -21.88
C PHE A 68 -23.54 -2.49 -23.05
N ILE A 69 -23.69 -3.67 -23.63
CA ILE A 69 -24.78 -3.89 -24.62
C ILE A 69 -26.22 -3.75 -24.01
N TYR A 70 -26.45 -4.34 -22.85
CA TYR A 70 -27.66 -4.10 -22.09
C TYR A 70 -27.81 -2.57 -21.84
N PHE A 71 -26.69 -1.95 -21.46
CA PHE A 71 -26.72 -0.55 -21.06
C PHE A 71 -27.01 0.40 -22.27
N ILE A 72 -26.34 0.19 -23.39
CA ILE A 72 -26.56 1.05 -24.55
C ILE A 72 -28.04 1.05 -25.00
N ARG A 73 -28.67 -0.13 -24.94
CA ARG A 73 -30.07 -0.30 -25.31
C ARG A 73 -30.96 0.56 -24.40
N ARG A 74 -30.69 0.55 -23.10
CA ARG A 74 -31.35 1.44 -22.15
C ARG A 74 -31.11 2.95 -22.49
N LEU A 75 -29.88 3.29 -22.85
CA LEU A 75 -29.52 4.67 -23.13
C LEU A 75 -30.20 5.17 -24.41
N THR A 76 -30.49 4.26 -25.35
CA THR A 76 -31.16 4.67 -26.60
C THR A 76 -32.62 4.98 -26.35
N ASP A 77 -33.21 4.38 -25.33
CA ASP A 77 -34.56 4.65 -24.92
C ASP A 77 -34.70 6.05 -24.31
N ASP A 78 -33.88 6.34 -23.30
CA ASP A 78 -33.93 7.63 -22.62
C ASP A 78 -32.60 7.84 -21.95
N ARG A 79 -31.70 8.48 -22.66
CA ARG A 79 -30.34 8.70 -22.21
C ARG A 79 -30.24 9.34 -20.83
N LYS A 80 -30.94 10.46 -20.62
CA LYS A 80 -30.82 11.16 -19.34
C LYS A 80 -31.32 10.34 -18.14
N ARG A 81 -32.51 9.76 -18.28
CA ARG A 81 -33.07 8.89 -17.24
C ARG A 81 -32.21 7.61 -16.99
N GLU A 82 -31.74 6.98 -18.06
CA GLU A 82 -31.07 5.68 -17.93
C GLU A 82 -29.63 5.80 -17.40
N SER A 83 -28.96 6.91 -17.74
CA SER A 83 -27.64 7.13 -17.25
C SER A 83 -27.65 7.40 -15.75
N THR A 84 -28.63 8.20 -15.26
CA THR A 84 -28.85 8.39 -13.85
C THR A 84 -29.14 7.07 -13.15
N LYS A 85 -30.02 6.28 -13.77
CA LYS A 85 -30.45 5.01 -13.17
C LYS A 85 -29.25 4.02 -13.08
N MET A 86 -28.43 3.99 -14.10
CA MET A 86 -27.27 3.07 -14.02
C MET A 86 -26.26 3.56 -12.97
N ALA A 87 -25.93 4.87 -12.95
CA ALA A 87 -25.05 5.37 -11.93
C ALA A 87 -25.55 5.14 -10.51
N GLU A 88 -26.84 5.36 -10.25
CA GLU A 88 -27.43 5.02 -8.92
C GLU A 88 -27.37 3.52 -8.61
N ALA A 89 -27.64 2.67 -9.60
CA ALA A 89 -27.61 1.20 -9.39
C ALA A 89 -26.19 0.82 -8.93
N ILE A 90 -25.20 1.29 -9.68
CA ILE A 90 -23.79 1.02 -9.34
C ILE A 90 -23.50 1.52 -7.94
N ARG A 91 -23.86 2.80 -7.64
CA ARG A 91 -23.63 3.36 -6.34
C ARG A 91 -24.22 2.51 -5.22
N ASN A 92 -25.45 2.06 -5.38
CA ASN A 92 -26.11 1.27 -4.35
C ASN A 92 -25.42 -0.11 -4.19
N PHE A 93 -25.07 -0.71 -5.31
CA PHE A 93 -24.35 -2.02 -5.36
C PHE A 93 -23.04 -1.88 -4.59
N VAL A 94 -22.24 -0.86 -4.94
CA VAL A 94 -20.99 -0.64 -4.28
C VAL A 94 -21.16 -0.37 -2.76
N ASN A 95 -22.11 0.53 -2.43
CA ASN A 95 -22.40 0.77 -1.05
C ASN A 95 -22.73 -0.49 -0.22
N THR A 96 -23.36 -1.50 -0.86
CA THR A 96 -23.74 -2.73 -0.15
C THR A 96 -22.46 -3.38 0.40
N PHE A 97 -21.42 -3.39 -0.45
CA PHE A 97 -20.11 -3.94 -0.03
C PHE A 97 -19.45 -3.09 1.05
N ILE A 98 -19.46 -1.77 0.88
CA ILE A 98 -18.95 -0.86 1.94
C ILE A 98 -19.60 -1.07 3.33
N GLN A 99 -20.91 -1.32 3.38
CA GLN A 99 -21.68 -1.38 4.67
C GLN A 99 -21.67 -2.83 5.24
N PHE A 100 -21.38 -3.82 4.41
CA PHE A 100 -21.53 -5.17 4.89
C PHE A 100 -20.59 -5.47 6.09
N LYS A 101 -21.16 -5.86 7.24
CA LYS A 101 -20.41 -6.01 8.50
C LYS A 101 -19.68 -7.34 8.74
N LYS A 102 -19.99 -8.37 7.99
CA LYS A 102 -19.34 -9.66 8.22
C LYS A 102 -18.28 -9.91 7.13
N PRO A 103 -17.34 -10.87 7.34
CA PRO A 103 -16.32 -11.09 6.26
C PRO A 103 -16.88 -11.59 4.95
N ILE A 104 -16.42 -11.01 3.86
CA ILE A 104 -16.73 -11.54 2.53
C ILE A 104 -15.41 -12.14 1.97
N ILE A 105 -15.48 -13.40 1.71
CA ILE A 105 -14.31 -14.09 1.20
C ILE A 105 -14.61 -14.40 -0.27
N VAL A 106 -13.72 -14.06 -1.19
CA VAL A 106 -13.98 -14.26 -2.60
C VAL A 106 -13.06 -15.36 -3.19
N ALA A 107 -13.66 -16.30 -3.90
CA ALA A 107 -12.90 -17.28 -4.72
C ALA A 107 -13.05 -16.89 -6.21
N VAL A 108 -11.94 -16.46 -6.78
CA VAL A 108 -11.85 -16.03 -8.17
C VAL A 108 -11.18 -17.12 -9.04
N ASN A 109 -11.93 -17.57 -10.02
CA ASN A 109 -11.55 -18.76 -10.80
C ASN A 109 -11.53 -18.46 -12.31
N GLY A 110 -11.60 -17.18 -12.65
CA GLY A 110 -11.66 -16.77 -14.05
C GLY A 110 -11.47 -15.25 -14.11
N PRO A 111 -11.56 -14.66 -15.32
CA PRO A 111 -11.44 -13.21 -15.42
C PRO A 111 -12.37 -12.40 -14.49
N ALA A 112 -11.81 -11.32 -13.96
CA ALA A 112 -12.54 -10.34 -13.13
C ALA A 112 -12.25 -8.99 -13.77
N ILE A 113 -13.29 -8.36 -14.37
CA ILE A 113 -13.10 -7.21 -15.28
C ILE A 113 -13.98 -6.00 -14.83
N GLY A 114 -13.42 -4.81 -14.79
CA GLY A 114 -14.24 -3.62 -14.63
C GLY A 114 -14.68 -3.66 -13.20
N LEU A 115 -15.98 -3.50 -13.00
CA LEU A 115 -16.55 -3.54 -11.68
C LEU A 115 -16.38 -4.91 -11.02
N GLY A 116 -16.28 -5.99 -11.83
CA GLY A 116 -15.96 -7.34 -11.26
C GLY A 116 -14.62 -7.42 -10.54
N ALA A 117 -13.68 -6.54 -10.89
CA ALA A 117 -12.38 -6.45 -10.21
C ALA A 117 -12.40 -5.33 -9.16
N SER A 118 -13.10 -4.22 -9.46
CA SER A 118 -13.11 -3.06 -8.55
C SER A 118 -13.73 -3.34 -7.21
N ILE A 119 -14.70 -4.26 -7.18
CA ILE A 119 -15.39 -4.60 -5.92
C ILE A 119 -14.47 -5.43 -5.01
N LEU A 120 -13.45 -6.12 -5.58
CA LEU A 120 -12.61 -7.05 -4.77
C LEU A 120 -11.96 -6.36 -3.55
N PRO A 121 -11.35 -5.19 -3.70
CA PRO A 121 -10.81 -4.48 -2.49
C PRO A 121 -11.83 -4.09 -1.40
N LEU A 122 -13.12 -4.22 -1.70
CA LEU A 122 -14.20 -3.96 -0.73
C LEU A 122 -14.59 -5.25 -0.02
N CYS A 123 -14.13 -6.40 -0.53
CA CYS A 123 -14.37 -7.67 0.15
C CYS A 123 -13.26 -7.84 1.13
N ASP A 124 -13.20 -8.94 1.88
CA ASP A 124 -12.15 -9.06 2.89
C ASP A 124 -10.90 -9.86 2.45
N VAL A 125 -11.12 -11.01 1.86
CA VAL A 125 -10.00 -11.94 1.49
C VAL A 125 -10.29 -12.35 0.05
N VAL A 126 -9.26 -12.34 -0.81
CA VAL A 126 -9.47 -12.83 -2.15
C VAL A 126 -8.51 -14.00 -2.47
N TRP A 127 -9.04 -15.14 -2.84
CA TRP A 127 -8.20 -16.31 -3.18
C TRP A 127 -8.45 -16.64 -4.66
N ALA A 128 -7.38 -16.81 -5.43
CA ALA A 128 -7.51 -16.95 -6.85
C ALA A 128 -6.72 -18.19 -7.28
N ASN A 129 -6.96 -18.66 -8.48
CA ASN A 129 -5.98 -19.58 -9.11
C ASN A 129 -5.42 -18.97 -10.35
N GLU A 130 -4.43 -19.63 -10.99
CA GLU A 130 -3.84 -19.08 -12.22
C GLU A 130 -4.74 -18.89 -13.44
N LYS A 131 -5.91 -19.53 -13.50
CA LYS A 131 -6.89 -19.23 -14.54
C LYS A 131 -7.51 -17.80 -14.41
N ALA A 132 -7.38 -17.18 -13.22
CA ALA A 132 -7.96 -15.86 -13.00
C ALA A 132 -7.01 -14.79 -13.56
N TRP A 133 -7.58 -13.77 -14.21
CA TRP A 133 -6.83 -12.53 -14.48
C TRP A 133 -7.75 -11.34 -14.18
N PHE A 134 -7.17 -10.16 -14.13
CA PHE A 134 -7.81 -8.98 -13.53
C PHE A 134 -7.50 -7.78 -14.40
N GLN A 135 -8.54 -7.03 -14.72
CA GLN A 135 -8.34 -5.89 -15.61
C GLN A 135 -9.44 -4.88 -15.28
N THR A 136 -9.11 -3.60 -15.35
CA THR A 136 -10.14 -2.54 -15.28
C THR A 136 -10.00 -1.66 -16.55
N PRO A 137 -10.59 -2.12 -17.67
CA PRO A 137 -10.43 -1.42 -18.98
C PRO A 137 -11.38 -0.18 -19.15
N TYR A 138 -11.43 0.64 -18.12
CA TYR A 138 -12.33 1.81 -18.03
C TYR A 138 -12.12 2.79 -19.20
N THR A 139 -10.89 3.22 -19.41
CA THR A 139 -10.56 4.16 -20.52
C THR A 139 -10.95 3.64 -21.92
N THR A 140 -10.73 2.36 -22.18
CA THR A 140 -11.21 1.66 -23.38
C THR A 140 -12.74 1.75 -23.55
N PHE A 141 -13.46 1.57 -22.47
CA PHE A 141 -14.92 1.63 -22.51
C PHE A 141 -15.40 3.08 -22.37
N GLY A 142 -14.47 4.01 -22.26
CA GLY A 142 -14.78 5.45 -22.21
C GLY A 142 -15.40 5.94 -20.89
N GLN A 143 -15.05 5.29 -19.78
CA GLN A 143 -15.58 5.72 -18.45
C GLN A 143 -14.48 5.99 -17.46
N SER A 144 -14.77 6.83 -16.49
CA SER A 144 -13.93 6.96 -15.35
C SER A 144 -14.14 5.73 -14.46
N PRO A 145 -13.31 5.56 -13.44
CA PRO A 145 -13.45 4.32 -12.65
C PRO A 145 -14.63 4.22 -11.68
N ASP A 146 -14.92 3.00 -11.23
CA ASP A 146 -16.00 2.73 -10.26
C ASP A 146 -15.58 1.77 -9.13
N GLY A 147 -16.50 1.48 -8.21
CA GLY A 147 -16.28 0.53 -7.12
C GLY A 147 -15.28 1.04 -6.11
N CYS A 148 -15.13 2.37 -6.02
CA CYS A 148 -14.13 3.04 -5.16
C CYS A 148 -12.69 2.73 -5.56
N SER A 149 -12.47 2.28 -6.80
CA SER A 149 -11.10 1.95 -7.22
C SER A 149 -10.22 3.18 -7.31
N THR A 150 -10.80 4.37 -7.52
CA THR A 150 -9.99 5.57 -7.57
C THR A 150 -9.24 5.82 -6.25
N VAL A 151 -9.79 5.41 -5.13
CA VAL A 151 -9.05 5.44 -3.86
C VAL A 151 -8.42 4.10 -3.42
N MET A 152 -9.10 3.01 -3.69
CA MET A 152 -8.64 1.71 -3.19
C MET A 152 -7.42 1.18 -3.98
N PHE A 153 -7.41 1.35 -5.30
CA PHE A 153 -6.24 0.82 -6.10
C PHE A 153 -4.93 1.54 -5.69
N PRO A 154 -4.93 2.92 -5.58
CA PRO A 154 -3.69 3.48 -5.07
C PRO A 154 -3.31 2.98 -3.68
N LYS A 155 -4.31 2.70 -2.82
CA LYS A 155 -4.05 2.16 -1.49
C LYS A 155 -3.42 0.77 -1.46
N ILE A 156 -3.75 -0.13 -2.39
CA ILE A 156 -3.31 -1.52 -2.31
C ILE A 156 -2.06 -1.79 -3.18
N MET A 157 -1.84 -0.97 -4.22
CA MET A 157 -0.70 -1.18 -5.12
C MET A 157 0.21 0.02 -5.36
N GLY A 158 -0.20 1.17 -4.83
CA GLY A 158 0.53 2.42 -4.99
C GLY A 158 0.10 3.11 -6.28
N GLY A 159 0.36 4.41 -6.37
CA GLY A 159 -0.13 5.19 -7.54
C GLY A 159 0.30 4.77 -8.92
N ALA A 160 1.59 4.43 -9.08
CA ALA A 160 2.14 4.10 -10.39
C ALA A 160 1.39 2.90 -10.93
N SER A 161 1.26 1.86 -10.12
CA SER A 161 0.55 0.64 -10.52
C SER A 161 -0.95 0.88 -10.67
N ALA A 162 -1.54 1.64 -9.77
CA ALA A 162 -2.99 1.91 -9.83
C ALA A 162 -3.36 2.69 -11.12
N ASN A 163 -2.63 3.73 -11.46
CA ASN A 163 -2.81 4.48 -12.73
C ASN A 163 -2.60 3.66 -13.97
N GLU A 164 -1.61 2.76 -13.93
CA GLU A 164 -1.45 1.84 -15.04
C GLU A 164 -2.73 0.98 -15.26
N MET A 165 -3.30 0.45 -14.18
CA MET A 165 -4.53 -0.34 -14.28
C MET A 165 -5.69 0.53 -14.72
N LEU A 166 -5.85 1.72 -14.12
CA LEU A 166 -7.04 2.53 -14.33
C LEU A 166 -7.06 3.34 -15.64
N LEU A 167 -5.89 3.85 -16.08
CA LEU A 167 -5.71 4.58 -17.34
C LEU A 167 -5.34 3.66 -18.51
N SER A 168 -4.56 2.61 -18.24
CA SER A 168 -3.92 1.85 -19.34
C SER A 168 -4.63 0.55 -19.69
N GLY A 169 -5.56 0.09 -18.83
CA GLY A 169 -6.23 -1.18 -19.08
C GLY A 169 -5.29 -2.40 -19.03
N ARG A 170 -4.21 -2.29 -18.27
CA ARG A 170 -3.32 -3.44 -18.06
C ARG A 170 -4.08 -4.68 -17.51
N LYS A 171 -3.87 -5.85 -18.13
CA LYS A 171 -4.36 -7.12 -17.59
C LYS A 171 -3.31 -7.76 -16.66
N LEU A 172 -3.73 -8.17 -15.49
CA LEU A 172 -2.80 -8.83 -14.53
C LEU A 172 -3.07 -10.31 -14.45
N THR A 173 -2.04 -11.17 -14.48
CA THR A 173 -2.27 -12.57 -14.10
C THR A 173 -2.55 -12.55 -12.60
N ALA A 174 -3.03 -13.69 -12.10
CA ALA A 174 -3.32 -13.98 -10.70
C ALA A 174 -2.11 -13.68 -9.80
N GLN A 175 -0.93 -14.20 -10.19
CA GLN A 175 0.29 -13.91 -9.51
C GLN A 175 0.63 -12.47 -9.51
N GLU A 176 0.46 -11.78 -10.63
CA GLU A 176 0.79 -10.33 -10.63
C GLU A 176 -0.23 -9.55 -9.75
N ALA A 177 -1.48 -9.98 -9.77
CA ALA A 177 -2.54 -9.33 -8.92
C ALA A 177 -2.27 -9.55 -7.44
N CYS A 178 -1.68 -10.70 -7.10
CA CYS A 178 -1.21 -10.94 -5.74
C CYS A 178 -0.10 -9.94 -5.35
N GLY A 179 0.93 -9.79 -6.18
CA GLY A 179 1.97 -8.74 -6.03
C GLY A 179 1.40 -7.31 -5.88
N LYS A 180 0.33 -7.04 -6.59
CA LYS A 180 -0.27 -5.69 -6.60
C LYS A 180 -1.39 -5.52 -5.57
N GLY A 181 -1.53 -6.47 -4.62
CA GLY A 181 -2.44 -6.33 -3.45
C GLY A 181 -3.90 -6.60 -3.69
N LEU A 182 -4.24 -7.07 -4.89
CA LEU A 182 -5.65 -7.36 -5.22
C LEU A 182 -6.09 -8.70 -4.70
N VAL A 183 -5.15 -9.65 -4.68
CA VAL A 183 -5.39 -11.06 -4.38
C VAL A 183 -4.56 -11.40 -3.12
N SER A 184 -5.14 -12.17 -2.18
CA SER A 184 -4.50 -12.53 -0.93
C SER A 184 -3.50 -13.64 -1.18
N GLN A 185 -3.93 -14.66 -1.91
CA GLN A 185 -3.07 -15.79 -2.19
C GLN A 185 -3.57 -16.51 -3.43
N VAL A 186 -2.64 -17.15 -4.18
CA VAL A 186 -2.94 -17.87 -5.42
C VAL A 186 -2.69 -19.39 -5.19
N PHE A 187 -3.65 -20.23 -5.60
CA PHE A 187 -3.54 -21.67 -5.41
C PHE A 187 -3.46 -22.35 -6.75
N TRP A 188 -2.93 -23.57 -6.82
CA TRP A 188 -3.02 -24.31 -8.09
C TRP A 188 -4.47 -24.58 -8.47
N PRO A 189 -4.79 -24.55 -9.78
CA PRO A 189 -6.16 -24.75 -10.22
C PRO A 189 -6.74 -26.09 -9.79
N GLY A 190 -5.93 -27.16 -9.81
CA GLY A 190 -6.40 -28.50 -9.50
C GLY A 190 -6.88 -28.73 -8.08
N THR A 191 -6.30 -28.02 -7.13
CA THR A 191 -6.67 -28.14 -5.74
C THR A 191 -7.33 -26.86 -5.16
N PHE A 192 -7.64 -25.89 -6.03
CA PHE A 192 -8.23 -24.60 -5.62
C PHE A 192 -9.47 -24.77 -4.71
N THR A 193 -10.41 -25.62 -5.11
CA THR A 193 -11.64 -25.73 -4.37
C THR A 193 -11.40 -26.25 -2.97
N GLN A 194 -10.55 -27.27 -2.87
CA GLN A 194 -10.25 -27.82 -1.55
C GLN A 194 -9.45 -26.85 -0.66
N GLU A 195 -8.52 -26.09 -1.24
CA GLU A 195 -7.74 -25.13 -0.46
C GLU A 195 -8.66 -24.00 0.05
N VAL A 196 -9.61 -23.57 -0.81
CA VAL A 196 -10.60 -22.56 -0.38
C VAL A 196 -11.51 -23.11 0.75
N MET A 197 -12.14 -24.28 0.52
CA MET A 197 -13.09 -24.86 1.51
C MET A 197 -12.48 -25.23 2.86
N VAL A 198 -11.22 -25.64 2.89
CA VAL A 198 -10.60 -25.95 4.16
C VAL A 198 -10.42 -24.67 5.00
N ARG A 199 -10.10 -23.55 4.32
CA ARG A 199 -9.92 -22.32 5.04
C ARG A 199 -11.25 -21.70 5.45
N ILE A 200 -12.27 -21.86 4.59
CA ILE A 200 -13.64 -21.41 4.95
C ILE A 200 -14.11 -22.20 6.22
N LYS A 201 -13.92 -23.52 6.22
N LYS A 201 -13.87 -23.51 6.22
CA LYS A 201 -14.28 -24.31 7.41
CA LYS A 201 -14.26 -24.31 7.40
C LYS A 201 -13.56 -23.77 8.64
C LYS A 201 -13.54 -23.86 8.66
N GLU A 202 -12.24 -23.57 8.56
CA GLU A 202 -11.47 -23.00 9.69
C GLU A 202 -12.08 -21.68 10.10
N LEU A 203 -12.37 -20.79 9.15
CA LEU A 203 -12.94 -19.48 9.49
C LEU A 203 -14.31 -19.57 10.15
N ALA A 204 -15.18 -20.43 9.62
CA ALA A 204 -16.50 -20.66 10.16
C ALA A 204 -16.47 -21.35 11.53
N SER A 205 -15.32 -21.90 11.95
CA SER A 205 -15.19 -22.50 13.30
C SER A 205 -14.75 -21.47 14.35
N CYS A 206 -14.38 -20.26 13.94
CA CYS A 206 -14.00 -19.16 14.85
C CYS A 206 -15.22 -18.53 15.51
N ASN A 207 -15.00 -17.76 16.54
CA ASN A 207 -16.10 -17.02 17.15
C ASN A 207 -16.56 -15.93 16.17
N PRO A 208 -17.83 -15.94 15.74
CA PRO A 208 -18.19 -14.95 14.72
C PRO A 208 -18.16 -13.53 15.27
N VAL A 209 -18.20 -13.37 16.59
CA VAL A 209 -18.03 -12.05 17.22
C VAL A 209 -16.61 -11.51 17.01
N VAL A 210 -15.63 -12.38 17.17
CA VAL A 210 -14.23 -12.00 16.96
C VAL A 210 -14.04 -11.62 15.50
N LEU A 211 -14.62 -12.38 14.57
CA LEU A 211 -14.55 -12.04 13.12
C LEU A 211 -15.10 -10.62 12.84
N GLU A 212 -16.27 -10.36 13.40
CA GLU A 212 -16.97 -9.10 13.17
C GLU A 212 -16.24 -7.94 13.79
N GLU A 213 -15.72 -8.12 15.00
CA GLU A 213 -14.98 -7.05 15.69
C GLU A 213 -13.72 -6.69 14.93
N SER A 214 -13.03 -7.72 14.42
CA SER A 214 -11.78 -7.52 13.71
C SER A 214 -12.06 -6.81 12.40
N LYS A 215 -13.10 -7.18 11.69
CA LYS A 215 -13.39 -6.50 10.43
C LYS A 215 -13.78 -5.03 10.70
N ALA A 216 -14.59 -4.83 11.76
CA ALA A 216 -14.96 -3.48 12.20
C ALA A 216 -13.72 -2.66 12.47
N LEU A 217 -12.74 -3.21 13.20
CA LEU A 217 -11.46 -2.51 13.41
C LEU A 217 -10.71 -2.20 12.09
N VAL A 218 -10.73 -3.10 11.14
CA VAL A 218 -9.98 -2.81 9.88
C VAL A 218 -10.75 -1.76 9.01
N ARG A 219 -12.09 -1.81 9.01
CA ARG A 219 -12.94 -1.07 8.08
C ARG A 219 -13.25 0.35 8.54
N CYS A 220 -13.09 0.62 9.83
CA CYS A 220 -13.55 1.91 10.38
C CYS A 220 -12.79 3.16 9.97
N ASN A 221 -11.45 3.10 9.87
CA ASN A 221 -10.70 4.25 9.33
C ASN A 221 -11.00 4.60 7.83
N MET A 222 -11.75 3.75 7.12
CA MET A 222 -11.90 3.91 5.67
C MET A 222 -13.36 4.06 5.20
N LYS A 223 -14.30 3.82 6.10
CA LYS A 223 -15.72 3.70 5.71
C LYS A 223 -16.23 5.01 5.06
N MET A 224 -15.97 6.11 5.76
N MET A 224 -15.98 6.13 5.72
CA MET A 224 -16.33 7.46 5.30
CA MET A 224 -16.45 7.39 5.18
C MET A 224 -15.73 7.78 3.93
C MET A 224 -15.74 7.75 3.85
N GLU A 225 -14.43 7.54 3.81
CA GLU A 225 -13.67 7.75 2.60
C GLU A 225 -14.18 6.86 1.47
N LEU A 226 -14.59 5.64 1.78
CA LEU A 226 -15.16 4.78 0.73
C LEU A 226 -16.47 5.36 0.20
N GLU A 227 -17.36 5.72 1.13
CA GLU A 227 -18.67 6.36 0.78
C GLU A 227 -18.52 7.58 -0.09
N GLN A 228 -17.63 8.47 0.33
CA GLN A 228 -17.31 9.69 -0.43
C GLN A 228 -16.74 9.39 -1.83
N ALA A 229 -15.76 8.47 -1.93
CA ALA A 229 -15.29 7.94 -3.25
C ALA A 229 -16.38 7.38 -4.15
N ASN A 230 -17.20 6.49 -3.62
CA ASN A 230 -18.29 5.91 -4.38
C ASN A 230 -19.20 7.01 -4.99
N GLU A 231 -19.60 7.96 -4.14
CA GLU A 231 -20.44 9.11 -4.59
C GLU A 231 -19.77 10.02 -5.64
N ARG A 232 -18.51 10.39 -5.42
CA ARG A 232 -17.77 11.12 -6.48
C ARG A 232 -17.71 10.38 -7.77
N GLU A 233 -17.37 9.06 -7.70
CA GLU A 233 -17.22 8.30 -8.94
C GLU A 233 -18.55 8.24 -9.70
N CYS A 234 -19.63 7.99 -8.98
CA CYS A 234 -20.92 7.86 -9.59
C CYS A 234 -21.43 9.20 -10.22
N GLU A 235 -21.13 10.30 -9.57
CA GLU A 235 -21.46 11.61 -10.13
C GLU A 235 -20.72 11.85 -11.45
N VAL A 236 -19.46 11.40 -11.54
CA VAL A 236 -18.73 11.51 -12.83
C VAL A 236 -19.37 10.64 -13.90
N LEU A 237 -19.69 9.40 -13.57
CA LEU A 237 -20.33 8.50 -14.53
C LEU A 237 -21.66 9.05 -15.09
N LYS A 238 -22.48 9.63 -14.23
CA LYS A 238 -23.67 10.36 -14.70
C LYS A 238 -23.35 11.37 -15.78
N LYS A 239 -22.33 12.21 -15.55
CA LYS A 239 -21.86 13.21 -16.50
C LYS A 239 -21.52 12.56 -17.84
N ILE A 240 -20.63 11.57 -17.81
CA ILE A 240 -20.19 10.85 -19.01
C ILE A 240 -21.31 10.09 -19.74
N TRP A 241 -22.04 9.23 -19.03
CA TRP A 241 -23.11 8.48 -19.67
C TRP A 241 -24.34 9.28 -20.12
N GLY A 242 -24.54 10.46 -19.52
CA GLY A 242 -25.63 11.34 -19.97
C GLY A 242 -25.31 12.20 -21.21
N SER A 243 -24.06 12.24 -21.64
CA SER A 243 -23.66 12.96 -22.87
C SER A 243 -23.81 12.11 -24.15
N ALA A 244 -24.01 12.79 -25.29
CA ALA A 244 -24.36 12.08 -26.55
C ALA A 244 -23.23 11.17 -27.03
N GLN A 245 -21.99 11.57 -26.71
CA GLN A 245 -20.79 10.87 -27.14
C GLN A 245 -20.30 9.81 -26.11
N GLY A 246 -21.10 9.54 -25.07
CA GLY A 246 -20.70 8.72 -23.92
C GLY A 246 -20.36 7.30 -24.30
N MET A 247 -21.07 6.78 -25.31
CA MET A 247 -20.84 5.41 -25.78
C MET A 247 -19.82 5.22 -26.93
N ASP A 248 -19.24 6.31 -27.42
CA ASP A 248 -18.32 6.25 -28.56
C ASP A 248 -17.10 5.32 -28.39
N SER A 249 -16.42 5.42 -27.25
CA SER A 249 -15.26 4.57 -26.98
C SER A 249 -15.68 3.11 -26.92
N MET A 250 -16.84 2.83 -26.30
CA MET A 250 -17.34 1.45 -26.17
C MET A 250 -17.65 0.82 -27.54
N LEU A 251 -18.31 1.64 -28.36
CA LEU A 251 -18.59 1.28 -29.77
C LEU A 251 -17.32 0.95 -30.58
N LYS A 252 -16.28 1.79 -30.49
CA LYS A 252 -14.98 1.52 -31.16
C LYS A 252 -14.36 0.21 -30.69
N TYR A 253 -14.39 -0.01 -29.37
CA TYR A 253 -13.98 -1.28 -28.79
C TYR A 253 -14.76 -2.45 -29.43
N LEU A 254 -16.10 -2.36 -29.45
CA LEU A 254 -16.92 -3.41 -30.10
C LEU A 254 -16.57 -3.62 -31.58
N GLN A 255 -16.32 -2.52 -32.29
CA GLN A 255 -15.93 -2.57 -33.70
C GLN A 255 -14.65 -3.37 -33.91
N ARG A 256 -13.62 -3.09 -33.09
CA ARG A 256 -12.35 -3.85 -33.05
C ARG A 256 -12.59 -5.32 -32.75
N LYS A 257 -13.40 -5.62 -31.73
CA LYS A 257 -13.75 -7.01 -31.34
C LYS A 257 -14.41 -7.81 -32.48
N ILE A 258 -15.34 -7.19 -33.19
CA ILE A 258 -16.04 -7.87 -34.30
C ILE A 258 -15.20 -7.97 -35.58
N ASP A 259 -14.26 -7.04 -35.76
CA ASP A 259 -13.34 -7.03 -36.91
C ASP A 259 -12.23 -8.09 -36.75
N GLU A 260 -11.78 -8.31 -35.51
CA GLU A 260 -10.74 -9.29 -35.18
C GLU A 260 -11.01 -10.70 -35.79
N TYR B 4 18.87 -6.14 33.81
CA TYR B 4 17.63 -6.70 33.18
C TYR B 4 17.68 -8.23 33.19
N ARG B 5 16.57 -8.89 33.53
CA ARG B 5 16.50 -10.35 33.52
C ARG B 5 16.22 -10.98 32.14
N ASP B 6 15.45 -10.28 31.30
CA ASP B 6 14.86 -10.90 30.07
C ASP B 6 15.37 -10.32 28.74
N ILE B 7 16.23 -9.31 28.83
CA ILE B 7 16.85 -8.65 27.68
C ILE B 7 18.34 -8.31 27.95
N VAL B 8 19.12 -8.22 26.89
CA VAL B 8 20.53 -7.85 26.92
C VAL B 8 20.59 -6.49 26.22
N VAL B 9 21.13 -5.49 26.93
CA VAL B 9 21.29 -4.15 26.37
C VAL B 9 22.79 -3.83 26.25
N ARG B 10 23.24 -3.52 25.03
CA ARG B 10 24.62 -3.10 24.78
C ARG B 10 24.61 -1.73 24.12
N LYS B 11 25.25 -0.77 24.78
CA LYS B 11 25.43 0.55 24.20
C LYS B 11 26.86 0.74 23.71
N GLN B 12 27.03 0.92 22.41
CA GLN B 12 28.37 1.14 21.85
C GLN B 12 28.30 1.63 20.41
N ASP B 13 29.34 2.30 19.95
CA ASP B 13 29.50 2.68 18.54
C ASP B 13 28.34 3.50 18.00
N GLY B 14 27.80 4.39 18.84
CA GLY B 14 26.72 5.30 18.46
C GLY B 14 25.27 4.79 18.46
N PHE B 15 25.05 3.56 18.92
CA PHE B 15 23.71 2.97 18.95
C PHE B 15 23.49 2.10 20.19
N THR B 16 22.24 1.88 20.57
CA THR B 16 21.92 0.90 21.61
C THR B 16 21.39 -0.38 20.94
N HIS B 17 21.96 -1.52 21.33
CA HIS B 17 21.50 -2.81 20.87
C HIS B 17 20.66 -3.49 21.94
N ILE B 18 19.36 -3.66 21.68
CA ILE B 18 18.51 -4.35 22.63
C ILE B 18 18.27 -5.74 22.05
N LEU B 19 18.67 -6.78 22.80
CA LEU B 19 18.44 -8.16 22.40
C LEU B 19 17.38 -8.81 23.30
N LEU B 20 16.38 -9.45 22.69
CA LEU B 20 15.39 -10.23 23.43
C LEU B 20 16.02 -11.57 23.77
N SER B 21 15.94 -11.94 25.04
CA SER B 21 16.49 -13.19 25.56
C SER B 21 15.77 -13.51 26.85
N THR B 22 14.52 -13.94 26.76
CA THR B 22 13.70 -13.97 27.96
C THR B 22 14.04 -15.22 28.80
N LYS B 23 13.92 -15.09 30.12
CA LYS B 23 14.08 -16.21 31.04
C LYS B 23 12.72 -16.60 31.59
N SER B 24 11.86 -15.60 31.85
CA SER B 24 10.58 -15.87 32.46
C SER B 24 9.47 -16.27 31.47
N SER B 25 9.83 -16.62 30.23
CA SER B 25 8.83 -17.05 29.24
C SER B 25 9.42 -17.95 28.18
N GLU B 26 8.62 -18.82 27.55
CA GLU B 26 9.07 -19.56 26.36
C GLU B 26 9.21 -18.65 25.14
N ASN B 27 10.22 -18.95 24.32
CA ASN B 27 10.33 -18.46 22.94
C ASN B 27 10.28 -16.95 22.80
N ASN B 28 10.98 -16.25 23.68
CA ASN B 28 11.00 -14.78 23.70
C ASN B 28 9.63 -14.14 23.75
N SER B 29 8.71 -14.77 24.44
CA SER B 29 7.36 -14.26 24.49
C SER B 29 7.22 -13.11 25.51
N LEU B 30 6.18 -12.30 25.35
CA LEU B 30 6.09 -11.03 26.06
C LEU B 30 5.06 -11.09 27.16
N ASN B 31 5.51 -11.09 28.40
CA ASN B 31 4.64 -10.81 29.52
C ASN B 31 4.89 -9.36 29.98
N PRO B 32 4.04 -8.82 30.88
CA PRO B 32 4.18 -7.44 31.31
C PRO B 32 5.56 -7.10 31.87
N GLU B 33 6.18 -8.02 32.59
CA GLU B 33 7.61 -7.91 32.99
C GLU B 33 8.57 -7.63 31.82
N VAL B 34 8.64 -8.55 30.85
CA VAL B 34 9.43 -8.37 29.63
C VAL B 34 9.11 -7.03 28.94
N MET B 35 7.83 -6.69 28.86
CA MET B 35 7.41 -5.48 28.22
C MET B 35 7.99 -4.26 28.95
N ARG B 36 7.93 -4.28 30.30
CA ARG B 36 8.49 -3.18 31.11
C ARG B 36 9.98 -3.02 30.95
N GLU B 37 10.72 -4.11 30.85
CA GLU B 37 12.16 -4.00 30.54
C GLU B 37 12.46 -3.41 29.17
N VAL B 38 11.73 -3.87 28.13
CA VAL B 38 11.92 -3.31 26.81
C VAL B 38 11.63 -1.80 26.87
N GLN B 39 10.53 -1.42 27.49
CA GLN B 39 10.18 0.01 27.63
C GLN B 39 11.22 0.84 28.39
N SER B 40 11.81 0.25 29.43
CA SER B 40 12.88 0.88 30.21
C SER B 40 14.14 1.05 29.36
N ALA B 41 14.53 0.02 28.61
CA ALA B 41 15.69 0.12 27.74
C ALA B 41 15.50 1.18 26.64
N LEU B 42 14.26 1.32 26.15
CA LEU B 42 13.97 2.31 25.11
C LEU B 42 14.01 3.73 25.67
N SER B 43 13.44 3.90 26.84
CA SER B 43 13.43 5.18 27.58
C SER B 43 14.87 5.77 27.75
N THR B 44 15.80 4.89 28.04
CA THR B 44 17.20 5.20 28.24
C THR B 44 17.91 5.50 26.92
N ALA B 45 17.67 4.69 25.89
CA ALA B 45 18.14 5.01 24.52
C ALA B 45 17.57 6.33 23.96
N ALA B 46 16.34 6.65 24.31
CA ALA B 46 15.68 7.87 23.85
C ALA B 46 16.38 9.11 24.44
N ALA B 47 16.77 9.01 25.71
CA ALA B 47 17.41 10.13 26.43
C ALA B 47 18.93 10.20 26.29
N ASP B 48 19.62 9.09 26.03
CA ASP B 48 21.07 9.19 25.96
C ASP B 48 21.52 9.59 24.56
N ASP B 49 22.80 9.44 24.22
CA ASP B 49 23.28 9.91 22.92
C ASP B 49 23.28 8.83 21.82
N SER B 50 22.53 7.75 22.02
CA SER B 50 22.31 6.74 20.97
C SER B 50 21.72 7.41 19.73
N LYS B 51 22.19 7.04 18.56
CA LYS B 51 21.62 7.60 17.33
C LYS B 51 20.39 6.79 16.83
N LEU B 52 20.36 5.51 17.18
CA LEU B 52 19.31 4.57 16.81
C LEU B 52 19.32 3.41 17.79
N VAL B 53 18.29 2.57 17.69
CA VAL B 53 18.19 1.35 18.44
C VAL B 53 18.18 0.20 17.42
N LEU B 54 19.05 -0.78 17.64
CA LEU B 54 18.93 -2.07 16.98
C LEU B 54 18.23 -3.04 17.91
N LEU B 55 17.14 -3.63 17.43
CA LEU B 55 16.39 -4.61 18.17
C LEU B 55 16.58 -6.01 17.53
N SER B 56 17.06 -6.98 18.31
CA SER B 56 17.12 -8.33 17.83
C SER B 56 16.81 -9.31 18.94
N ALA B 57 17.14 -10.58 18.70
CA ALA B 57 16.82 -11.67 19.62
C ALA B 57 17.95 -12.68 19.64
N VAL B 58 18.08 -13.32 20.79
CA VAL B 58 18.98 -14.45 21.03
C VAL B 58 18.17 -15.74 20.86
N GLY B 59 18.75 -16.69 20.13
CA GLY B 59 18.08 -17.99 20.03
C GLY B 59 17.39 -18.10 18.69
N SER B 60 16.56 -19.10 18.54
CA SER B 60 16.08 -19.48 17.22
C SER B 60 14.72 -18.83 16.87
N VAL B 61 14.15 -18.09 17.83
CA VAL B 61 12.83 -17.41 17.70
C VAL B 61 12.97 -15.92 17.99
N PHE B 62 12.48 -15.06 17.10
CA PHE B 62 12.52 -13.63 17.35
C PHE B 62 11.62 -13.30 18.55
N CYS B 63 10.31 -13.48 18.41
CA CYS B 63 9.37 -13.19 19.48
C CYS B 63 8.08 -13.86 19.13
N CYS B 64 7.65 -14.84 19.93
CA CYS B 64 6.41 -15.52 19.62
C CYS B 64 5.18 -14.80 20.19
N GLY B 65 5.33 -13.53 20.48
CA GLY B 65 4.21 -12.69 20.83
C GLY B 65 3.82 -12.71 22.28
N LEU B 66 2.53 -12.51 22.54
CA LEU B 66 2.05 -12.47 23.90
C LEU B 66 2.35 -13.82 24.63
N ASP B 67 2.84 -13.74 25.87
CA ASP B 67 3.14 -14.92 26.71
C ASP B 67 1.80 -15.43 27.25
N PHE B 68 1.19 -16.35 26.50
CA PHE B 68 -0.15 -16.83 26.86
C PHE B 68 -0.16 -17.79 28.02
N ILE B 69 0.98 -18.43 28.28
CA ILE B 69 1.10 -19.32 29.44
C ILE B 69 0.97 -18.48 30.73
N TYR B 70 1.72 -17.38 30.80
CA TYR B 70 1.61 -16.42 31.90
C TYR B 70 0.22 -15.82 32.03
N PHE B 71 -0.40 -15.46 30.90
CA PHE B 71 -1.73 -14.83 30.88
C PHE B 71 -2.79 -15.79 31.37
N ILE B 72 -2.68 -17.05 30.93
CA ILE B 72 -3.59 -18.09 31.40
C ILE B 72 -3.37 -18.35 32.91
N ARG B 73 -2.12 -18.31 33.35
CA ARG B 73 -1.87 -18.42 34.81
C ARG B 73 -2.63 -17.29 35.56
N ARG B 74 -2.56 -16.06 35.07
CA ARG B 74 -3.32 -14.94 35.69
C ARG B 74 -4.83 -15.07 35.57
N LEU B 75 -5.30 -15.58 34.44
CA LEU B 75 -6.72 -15.67 34.15
C LEU B 75 -7.43 -16.68 35.04
N THR B 76 -6.72 -17.74 35.42
CA THR B 76 -7.25 -18.72 36.38
C THR B 76 -7.45 -18.04 37.76
N ASP B 77 -6.53 -17.15 38.15
CA ASP B 77 -6.68 -16.35 39.35
C ASP B 77 -7.88 -15.38 39.27
N ASP B 78 -7.76 -14.26 38.56
CA ASP B 78 -8.88 -13.31 38.41
C ASP B 78 -9.06 -12.86 36.95
N ARG B 79 -9.97 -13.51 36.22
CA ARG B 79 -10.28 -13.17 34.82
C ARG B 79 -10.47 -11.68 34.61
N LYS B 80 -11.44 -11.09 35.30
CA LYS B 80 -11.80 -9.68 35.07
C LYS B 80 -10.61 -8.78 35.31
N ARG B 81 -10.02 -8.85 36.51
CA ARG B 81 -8.92 -7.96 36.86
C ARG B 81 -7.70 -8.12 35.93
N GLU B 82 -7.40 -9.35 35.57
CA GLU B 82 -6.17 -9.67 34.87
C GLU B 82 -6.23 -9.37 33.37
N SER B 83 -7.41 -9.52 32.78
CA SER B 83 -7.69 -9.12 31.40
C SER B 83 -7.56 -7.59 31.25
N THR B 84 -8.06 -6.83 32.21
CA THR B 84 -7.87 -5.39 32.19
C THR B 84 -6.39 -5.05 32.27
N LYS B 85 -5.66 -5.68 33.18
CA LYS B 85 -4.25 -5.35 33.33
C LYS B 85 -3.46 -5.75 32.06
N MET B 86 -3.80 -6.90 31.48
CA MET B 86 -3.10 -7.35 30.25
C MET B 86 -3.31 -6.36 29.06
N ALA B 87 -4.57 -5.94 28.83
CA ALA B 87 -4.90 -4.98 27.79
C ALA B 87 -4.15 -3.66 27.97
N GLU B 88 -4.01 -3.20 29.20
CA GLU B 88 -3.24 -1.99 29.48
C GLU B 88 -1.75 -2.20 29.31
N ALA B 89 -1.22 -3.33 29.74
CA ALA B 89 0.19 -3.66 29.46
C ALA B 89 0.51 -3.55 27.95
N ILE B 90 -0.30 -4.22 27.13
CA ILE B 90 -0.20 -4.15 25.64
C ILE B 90 -0.28 -2.70 25.12
N ARG B 91 -1.32 -1.97 25.53
CA ARG B 91 -1.51 -0.62 25.09
C ARG B 91 -0.26 0.21 25.39
N ASN B 92 0.26 0.15 26.62
CA ASN B 92 1.47 0.90 27.00
C ASN B 92 2.75 0.53 26.22
N PHE B 93 2.94 -0.78 26.04
CA PHE B 93 3.99 -1.33 25.23
C PHE B 93 3.93 -0.81 23.80
N VAL B 94 2.78 -0.98 23.13
CA VAL B 94 2.58 -0.47 21.75
C VAL B 94 2.79 1.06 21.72
N ASN B 95 2.23 1.79 22.67
CA ASN B 95 2.44 3.26 22.72
C ASN B 95 3.93 3.69 22.82
N THR B 96 4.78 2.93 23.52
CA THR B 96 6.21 3.20 23.55
C THR B 96 6.79 3.20 22.15
N PHE B 97 6.38 2.26 21.31
CA PHE B 97 6.86 2.28 19.93
C PHE B 97 6.30 3.43 19.09
N ILE B 98 5.02 3.76 19.31
CA ILE B 98 4.40 4.84 18.56
C ILE B 98 5.13 6.16 18.83
N GLN B 99 5.49 6.40 20.09
CA GLN B 99 6.11 7.69 20.54
C GLN B 99 7.61 7.82 20.32
N PHE B 100 8.33 6.71 20.20
CA PHE B 100 9.79 6.72 20.11
C PHE B 100 10.33 7.52 18.93
N LYS B 101 11.24 8.47 19.20
CA LYS B 101 11.66 9.46 18.19
C LYS B 101 12.84 9.05 17.35
N LYS B 102 13.64 8.12 17.84
CA LYS B 102 14.83 7.69 17.11
C LYS B 102 14.52 6.45 16.28
N PRO B 103 15.26 6.23 15.19
CA PRO B 103 15.05 5.01 14.39
C PRO B 103 15.26 3.72 15.19
N ILE B 104 14.31 2.77 15.05
CA ILE B 104 14.43 1.40 15.55
C ILE B 104 14.58 0.47 14.34
N ILE B 105 15.72 -0.16 14.24
CA ILE B 105 16.02 -1.10 13.18
C ILE B 105 15.87 -2.49 13.82
N VAL B 106 15.19 -3.41 13.14
CA VAL B 106 14.93 -4.73 13.71
C VAL B 106 15.62 -5.76 12.80
N ALA B 107 16.30 -6.70 13.43
CA ALA B 107 16.91 -7.82 12.73
C ALA B 107 16.13 -9.04 13.21
N VAL B 108 15.43 -9.67 12.28
CA VAL B 108 14.55 -10.77 12.63
C VAL B 108 15.19 -12.05 12.14
N ASN B 109 15.55 -12.91 13.08
CA ASN B 109 16.34 -14.11 12.76
C ASN B 109 15.59 -15.44 12.97
N GLY B 110 14.29 -15.37 13.23
CA GLY B 110 13.46 -16.58 13.45
C GLY B 110 12.00 -16.14 13.52
N PRO B 111 11.04 -17.04 13.84
CA PRO B 111 9.61 -16.61 13.81
C PRO B 111 9.28 -15.35 14.62
N ALA B 112 8.45 -14.50 14.02
CA ALA B 112 7.82 -13.36 14.70
C ALA B 112 6.31 -13.62 14.63
N ILE B 113 5.70 -13.84 15.79
CA ILE B 113 4.30 -14.26 15.86
C ILE B 113 3.47 -13.27 16.69
N GLY B 114 2.28 -12.94 16.23
CA GLY B 114 1.31 -12.24 17.07
C GLY B 114 1.81 -10.84 17.26
N LEU B 115 1.90 -10.41 18.51
CA LEU B 115 2.47 -9.10 18.82
C LEU B 115 3.91 -8.97 18.39
N GLY B 116 4.64 -10.08 18.39
CA GLY B 116 6.01 -10.13 17.89
C GLY B 116 6.11 -9.72 16.42
N ALA B 117 5.02 -9.92 15.68
CA ALA B 117 5.01 -9.46 14.25
C ALA B 117 4.31 -8.09 14.12
N SER B 118 3.30 -7.87 14.92
CA SER B 118 2.47 -6.68 14.77
C SER B 118 3.22 -5.43 15.16
N ILE B 119 4.23 -5.53 16.02
CA ILE B 119 4.98 -4.31 16.37
C ILE B 119 5.92 -3.84 15.26
N LEU B 120 6.19 -4.71 14.27
CA LEU B 120 7.25 -4.43 13.37
C LEU B 120 6.95 -3.19 12.51
N PRO B 121 5.70 -3.02 12.04
CA PRO B 121 5.41 -1.79 11.25
C PRO B 121 5.49 -0.49 12.09
N LEU B 122 5.60 -0.62 13.42
CA LEU B 122 5.90 0.53 14.29
C LEU B 122 7.38 0.89 14.42
N CYS B 123 8.25 -0.03 14.00
CA CYS B 123 9.67 0.19 13.95
C CYS B 123 9.96 0.87 12.64
N ASP B 124 11.22 1.13 12.34
CA ASP B 124 11.55 1.79 11.09
C ASP B 124 11.99 0.90 9.93
N VAL B 125 12.96 0.02 10.17
CA VAL B 125 13.58 -0.81 9.12
C VAL B 125 13.53 -2.21 9.67
N VAL B 126 13.19 -3.19 8.84
CA VAL B 126 13.18 -4.57 9.26
C VAL B 126 13.99 -5.47 8.29
N TRP B 127 15.03 -6.09 8.82
CA TRP B 127 15.90 -6.99 8.04
C TRP B 127 15.64 -8.39 8.52
N ALA B 128 15.45 -9.31 7.60
CA ALA B 128 15.10 -10.63 8.04
C ALA B 128 16.03 -11.64 7.41
N ASN B 129 16.26 -12.68 8.17
CA ASN B 129 16.89 -13.87 7.72
C ASN B 129 15.89 -14.66 6.86
N GLU B 130 16.40 -15.31 5.85
CA GLU B 130 15.60 -16.16 5.04
C GLU B 130 14.90 -17.24 5.85
N LYS B 131 15.44 -17.62 7.02
CA LYS B 131 14.81 -18.55 7.97
C LYS B 131 13.55 -17.99 8.67
N ALA B 132 13.45 -16.66 8.81
CA ALA B 132 12.34 -16.07 9.57
C ALA B 132 10.98 -16.38 8.90
N TRP B 133 9.92 -16.44 9.70
CA TRP B 133 8.58 -16.42 9.14
C TRP B 133 7.71 -15.60 10.09
N PHE B 134 6.53 -15.27 9.60
CA PHE B 134 5.67 -14.21 10.20
C PHE B 134 4.22 -14.71 10.20
N GLN B 135 3.54 -14.45 11.33
CA GLN B 135 2.13 -14.90 11.52
C GLN B 135 1.50 -14.04 12.59
N THR B 136 0.22 -13.76 12.38
CA THR B 136 -0.63 -13.13 13.40
C THR B 136 -1.85 -14.06 13.59
N PRO B 137 -1.71 -15.13 14.41
CA PRO B 137 -2.83 -16.09 14.49
C PRO B 137 -3.90 -15.73 15.60
N TYR B 138 -4.33 -14.48 15.57
CA TYR B 138 -5.26 -13.90 16.55
C TYR B 138 -6.58 -14.63 16.58
N THR B 139 -7.19 -14.83 15.41
CA THR B 139 -8.55 -15.36 15.40
C THR B 139 -8.62 -16.79 15.94
N THR B 140 -7.62 -17.59 15.64
CA THR B 140 -7.64 -18.98 16.08
C THR B 140 -7.66 -19.14 17.62
N PHE B 141 -7.10 -18.17 18.32
CA PHE B 141 -7.14 -18.19 19.76
C PHE B 141 -8.23 -17.29 20.36
N GLY B 142 -9.14 -16.81 19.51
CA GLY B 142 -10.27 -16.00 19.94
C GLY B 142 -9.91 -14.59 20.29
N GLN B 143 -8.79 -14.12 19.75
CA GLN B 143 -8.36 -12.75 19.98
C GLN B 143 -8.62 -11.85 18.72
N SER B 144 -8.87 -10.56 18.95
CA SER B 144 -8.89 -9.56 17.88
C SER B 144 -7.41 -9.05 17.80
N PRO B 145 -7.04 -8.33 16.72
CA PRO B 145 -5.62 -7.91 16.58
C PRO B 145 -5.08 -6.84 17.53
N ASP B 146 -3.76 -6.78 17.62
CA ASP B 146 -3.08 -5.77 18.47
C ASP B 146 -1.90 -5.09 17.76
N GLY B 147 -1.17 -4.23 18.46
CA GLY B 147 -0.07 -3.49 17.87
C GLY B 147 -0.33 -2.54 16.70
N CYS B 148 -1.55 -2.03 16.60
CA CYS B 148 -1.98 -1.14 15.49
C CYS B 148 -2.00 -1.87 14.15
N SER B 149 -1.99 -3.20 14.17
CA SER B 149 -1.99 -3.96 12.92
C SER B 149 -3.33 -3.80 12.16
N THR B 150 -4.39 -3.43 12.87
CA THR B 150 -5.70 -3.20 12.24
C THR B 150 -5.62 -2.06 11.27
N VAL B 151 -4.75 -1.10 11.52
CA VAL B 151 -4.50 -0.07 10.54
C VAL B 151 -3.23 -0.26 9.71
N MET B 152 -2.17 -0.77 10.31
CA MET B 152 -0.87 -0.78 9.67
C MET B 152 -0.80 -1.89 8.63
N PHE B 153 -1.38 -3.04 8.93
CA PHE B 153 -1.33 -4.16 7.92
C PHE B 153 -2.03 -3.73 6.63
N PRO B 154 -3.29 -3.18 6.69
CA PRO B 154 -3.86 -2.73 5.42
C PRO B 154 -3.02 -1.67 4.70
N LYS B 155 -2.33 -0.81 5.45
CA LYS B 155 -1.47 0.19 4.85
C LYS B 155 -0.23 -0.35 4.16
N ILE B 156 0.37 -1.43 4.66
CA ILE B 156 1.61 -1.96 4.12
C ILE B 156 1.43 -3.05 3.07
N MET B 157 0.35 -3.83 3.13
CA MET B 157 0.12 -4.94 2.18
C MET B 157 -1.20 -4.91 1.45
N GLY B 158 -2.07 -3.95 1.82
CA GLY B 158 -3.38 -3.83 1.22
C GLY B 158 -4.38 -4.73 1.91
N GLY B 159 -5.66 -4.41 1.78
CA GLY B 159 -6.71 -5.08 2.60
C GLY B 159 -6.81 -6.59 2.37
N ALA B 160 -6.86 -7.02 1.12
CA ALA B 160 -6.84 -8.50 0.88
C ALA B 160 -5.76 -9.29 1.65
N SER B 161 -4.50 -8.86 1.57
CA SER B 161 -3.40 -9.60 2.23
C SER B 161 -3.50 -9.44 3.74
N ALA B 162 -3.86 -8.24 4.18
CA ALA B 162 -3.97 -7.92 5.59
C ALA B 162 -5.08 -8.73 6.25
N ASN B 163 -6.25 -8.79 5.63
CA ASN B 163 -7.34 -9.59 6.19
C ASN B 163 -7.01 -11.05 6.23
N GLU B 164 -6.35 -11.54 5.21
CA GLU B 164 -5.87 -12.90 5.24
C GLU B 164 -4.94 -13.16 6.42
N MET B 165 -3.98 -12.26 6.67
CA MET B 165 -3.16 -12.39 7.92
C MET B 165 -3.95 -12.37 9.20
N LEU B 166 -4.83 -11.39 9.33
CA LEU B 166 -5.47 -11.12 10.60
C LEU B 166 -6.65 -12.06 10.89
N LEU B 167 -7.39 -12.47 9.85
CA LEU B 167 -8.53 -13.37 10.03
C LEU B 167 -8.19 -14.85 9.87
N SER B 168 -7.26 -15.13 8.95
CA SER B 168 -7.01 -16.50 8.51
C SER B 168 -5.78 -17.12 9.15
N GLY B 169 -4.95 -16.32 9.82
CA GLY B 169 -3.69 -16.82 10.39
C GLY B 169 -2.62 -17.30 9.38
N ARG B 170 -2.62 -16.73 8.18
CA ARG B 170 -1.61 -17.04 7.16
C ARG B 170 -0.19 -16.84 7.71
N LYS B 171 0.69 -17.80 7.44
CA LYS B 171 2.14 -17.66 7.71
C LYS B 171 2.83 -17.22 6.44
N LEU B 172 3.69 -16.23 6.56
CA LEU B 172 4.49 -15.70 5.47
C LEU B 172 5.94 -16.08 5.70
N THR B 173 6.61 -16.59 4.67
CA THR B 173 8.06 -16.70 4.69
C THR B 173 8.64 -15.28 4.64
N ALA B 174 9.93 -15.14 4.97
CA ALA B 174 10.60 -13.83 4.97
C ALA B 174 10.43 -13.13 3.60
N GLN B 175 10.65 -13.87 2.52
CA GLN B 175 10.45 -13.34 1.16
C GLN B 175 9.00 -12.91 0.92
N GLU B 176 8.04 -13.72 1.35
CA GLU B 176 6.62 -13.35 1.15
C GLU B 176 6.32 -12.08 1.98
N ALA B 177 6.90 -11.99 3.19
CA ALA B 177 6.70 -10.83 4.07
C ALA B 177 7.39 -9.56 3.53
N CYS B 178 8.46 -9.76 2.78
CA CYS B 178 9.10 -8.68 2.06
C CYS B 178 8.15 -8.17 0.94
N GLY B 179 7.60 -9.07 0.12
CA GLY B 179 6.59 -8.70 -0.88
C GLY B 179 5.34 -8.04 -0.31
N LYS B 180 5.00 -8.35 0.95
CA LYS B 180 3.88 -7.77 1.63
C LYS B 180 4.21 -6.60 2.58
N GLY B 181 5.37 -5.98 2.44
CA GLY B 181 5.66 -4.70 3.14
C GLY B 181 6.07 -4.76 4.60
N LEU B 182 6.10 -5.98 5.15
CA LEU B 182 6.48 -6.18 6.54
C LEU B 182 8.01 -6.11 6.77
N VAL B 183 8.79 -6.52 5.77
CA VAL B 183 10.27 -6.68 5.88
C VAL B 183 10.85 -5.77 4.80
N SER B 184 11.84 -4.92 5.16
CA SER B 184 12.61 -4.13 4.20
C SER B 184 13.40 -4.96 3.17
N GLN B 185 14.11 -5.97 3.67
CA GLN B 185 15.01 -6.77 2.84
C GLN B 185 15.31 -8.05 3.58
N VAL B 186 15.53 -9.10 2.79
CA VAL B 186 15.87 -10.44 3.31
C VAL B 186 17.32 -10.74 2.97
N PHE B 187 18.06 -11.26 3.94
CA PHE B 187 19.45 -11.65 3.73
C PHE B 187 19.51 -13.16 3.97
N TRP B 188 20.32 -13.87 3.21
CA TRP B 188 20.56 -15.31 3.51
C TRP B 188 21.16 -15.67 4.88
N PRO B 189 20.80 -16.84 5.45
CA PRO B 189 21.20 -17.08 6.86
C PRO B 189 22.70 -16.94 7.08
N GLY B 190 23.48 -17.43 6.10
CA GLY B 190 24.95 -17.36 6.10
C GLY B 190 25.53 -15.96 6.20
N THR B 191 24.98 -15.03 5.42
CA THR B 191 25.50 -13.66 5.40
C THR B 191 24.73 -12.68 6.34
N PHE B 192 23.63 -13.14 6.96
CA PHE B 192 22.65 -12.26 7.64
C PHE B 192 23.28 -11.32 8.69
N THR B 193 23.97 -11.90 9.66
CA THR B 193 24.61 -11.10 10.73
C THR B 193 25.55 -9.98 10.22
N GLN B 194 26.35 -10.29 9.20
CA GLN B 194 27.29 -9.33 8.62
C GLN B 194 26.61 -8.25 7.75
N GLU B 195 25.57 -8.65 7.01
CA GLU B 195 24.75 -7.73 6.23
C GLU B 195 24.09 -6.66 7.11
N VAL B 196 23.59 -7.08 8.26
CA VAL B 196 22.96 -6.18 9.22
C VAL B 196 23.98 -5.23 9.83
N MET B 197 25.09 -5.78 10.28
CA MET B 197 26.07 -4.99 10.98
C MET B 197 26.77 -3.94 10.13
N VAL B 198 27.06 -4.25 8.88
CA VAL B 198 27.62 -3.26 7.96
C VAL B 198 26.62 -2.10 7.75
N ARG B 199 25.33 -2.41 7.72
CA ARG B 199 24.33 -1.36 7.54
C ARG B 199 24.11 -0.55 8.77
N ILE B 200 24.15 -1.18 9.93
CA ILE B 200 24.00 -0.46 11.21
C ILE B 200 25.18 0.52 11.40
N LYS B 201 26.37 0.04 11.09
CA LYS B 201 27.60 0.83 11.17
C LYS B 201 27.48 2.04 10.22
N GLU B 202 27.01 1.81 8.98
CA GLU B 202 26.71 2.91 8.05
C GLU B 202 25.72 3.94 8.63
N LEU B 203 24.61 3.48 9.21
CA LEU B 203 23.59 4.37 9.74
C LEU B 203 24.07 5.18 10.93
N ALA B 204 24.81 4.52 11.82
CA ALA B 204 25.34 5.12 13.04
C ALA B 204 26.39 6.20 12.72
N SER B 205 26.97 6.16 11.54
CA SER B 205 27.92 7.19 11.16
C SER B 205 27.22 8.42 10.54
N CYS B 206 25.89 8.40 10.44
CA CYS B 206 25.14 9.56 9.94
C CYS B 206 24.90 10.58 11.00
N ASN B 207 24.48 11.76 10.58
CA ASN B 207 24.10 12.82 11.50
C ASN B 207 22.82 12.48 12.28
N PRO B 208 22.90 12.39 13.62
CA PRO B 208 21.74 11.97 14.45
C PRO B 208 20.53 12.88 14.29
N VAL B 209 20.79 14.17 14.09
CA VAL B 209 19.72 15.14 13.89
C VAL B 209 19.02 14.89 12.56
N VAL B 210 19.76 14.45 11.53
CA VAL B 210 19.18 14.18 10.21
C VAL B 210 18.27 12.93 10.26
N LEU B 211 18.77 11.85 10.88
CA LEU B 211 18.01 10.62 11.18
C LEU B 211 16.67 10.91 11.83
N GLU B 212 16.71 11.71 12.89
CA GLU B 212 15.53 12.08 13.64
C GLU B 212 14.52 12.94 12.92
N GLU B 213 14.99 13.96 12.22
CA GLU B 213 14.12 14.82 11.42
C GLU B 213 13.43 14.01 10.32
N SER B 214 14.19 13.15 9.64
CA SER B 214 13.61 12.25 8.62
C SER B 214 12.50 11.37 9.19
N LYS B 215 12.80 10.63 10.27
CA LYS B 215 11.77 9.87 10.95
C LYS B 215 10.57 10.74 11.35
N ALA B 216 10.80 11.86 12.03
CA ALA B 216 9.69 12.77 12.39
C ALA B 216 8.81 13.14 11.15
N LEU B 217 9.44 13.39 10.01
CA LEU B 217 8.70 13.70 8.79
C LEU B 217 7.90 12.49 8.31
N VAL B 218 8.48 11.30 8.44
CA VAL B 218 7.79 10.08 8.05
C VAL B 218 6.64 9.68 9.02
N ARG B 219 6.85 9.84 10.31
CA ARG B 219 5.89 9.43 11.32
C ARG B 219 4.76 10.48 11.58
N CYS B 220 4.94 11.74 11.18
CA CYS B 220 3.95 12.76 11.60
C CYS B 220 2.55 12.60 11.03
N ASN B 221 2.40 12.20 9.75
CA ASN B 221 1.03 12.02 9.21
C ASN B 221 0.21 10.93 9.90
N MET B 222 0.89 10.02 10.61
CA MET B 222 0.29 8.80 11.17
C MET B 222 0.19 8.73 12.71
N LYS B 223 0.91 9.57 13.46
CA LYS B 223 1.01 9.38 14.93
C LYS B 223 -0.36 9.33 15.65
N MET B 224 -1.19 10.35 15.40
CA MET B 224 -2.56 10.35 15.96
C MET B 224 -3.40 9.12 15.57
N GLU B 225 -3.33 8.71 14.31
CA GLU B 225 -4.04 7.50 13.82
C GLU B 225 -3.55 6.20 14.50
N LEU B 226 -2.25 6.12 14.74
CA LEU B 226 -1.69 4.97 15.47
C LEU B 226 -2.17 4.91 16.92
N GLU B 227 -2.09 6.04 17.62
CA GLU B 227 -2.65 6.18 18.97
C GLU B 227 -4.11 5.77 19.03
N GLN B 228 -4.90 6.27 18.09
CA GLN B 228 -6.33 5.97 18.10
C GLN B 228 -6.57 4.47 17.81
N ALA B 229 -5.84 3.92 16.84
CA ALA B 229 -5.88 2.48 16.56
C ALA B 229 -5.51 1.66 17.81
N ASN B 230 -4.38 1.97 18.47
CA ASN B 230 -3.95 1.27 19.70
C ASN B 230 -5.08 1.25 20.77
N GLU B 231 -5.68 2.41 21.00
CA GLU B 231 -6.75 2.51 21.99
C GLU B 231 -7.99 1.70 21.60
N ARG B 232 -8.42 1.80 20.33
CA ARG B 232 -9.52 0.94 19.84
C ARG B 232 -9.26 -0.56 20.03
N GLU B 233 -8.07 -1.03 19.63
CA GLU B 233 -7.73 -2.46 19.72
C GLU B 233 -7.72 -2.92 21.16
N CYS B 234 -7.09 -2.15 22.03
CA CYS B 234 -7.11 -2.49 23.45
C CYS B 234 -8.53 -2.50 24.07
N GLU B 235 -9.40 -1.58 23.65
CA GLU B 235 -10.81 -1.65 24.07
C GLU B 235 -11.52 -2.92 23.63
N VAL B 236 -11.29 -3.35 22.39
CA VAL B 236 -11.97 -4.54 21.92
C VAL B 236 -11.43 -5.77 22.68
N LEU B 237 -10.12 -5.83 22.90
CA LEU B 237 -9.53 -6.93 23.68
C LEU B 237 -10.15 -7.06 25.06
N LYS B 238 -10.30 -5.94 25.77
CA LYS B 238 -11.06 -5.93 27.06
C LYS B 238 -12.44 -6.52 26.94
N LYS B 239 -13.20 -6.09 25.93
CA LYS B 239 -14.57 -6.54 25.71
C LYS B 239 -14.64 -8.03 25.34
N ILE B 240 -13.74 -8.47 24.47
CA ILE B 240 -13.68 -9.89 24.13
C ILE B 240 -13.33 -10.75 25.35
N TRP B 241 -12.21 -10.46 25.99
CA TRP B 241 -11.81 -11.19 27.20
C TRP B 241 -12.81 -11.13 28.35
N GLY B 242 -13.60 -10.06 28.42
CA GLY B 242 -14.66 -9.98 29.42
C GLY B 242 -15.95 -10.69 29.04
N SER B 243 -16.04 -11.17 27.78
CA SER B 243 -17.25 -11.81 27.26
C SER B 243 -17.51 -13.23 27.75
N ALA B 244 -18.70 -13.73 27.38
CA ALA B 244 -19.20 -15.06 27.76
C ALA B 244 -18.47 -16.19 27.02
N GLN B 245 -18.10 -15.94 25.77
CA GLN B 245 -17.38 -16.94 24.99
C GLN B 245 -15.90 -16.62 24.84
N GLY B 246 -15.41 -15.63 25.62
CA GLY B 246 -14.12 -14.97 25.40
C GLY B 246 -12.85 -15.81 25.61
N MET B 247 -13.01 -16.88 26.38
CA MET B 247 -11.93 -17.83 26.71
C MET B 247 -12.03 -19.19 26.00
N ASP B 248 -13.04 -19.35 25.16
CA ASP B 248 -13.34 -20.63 24.51
C ASP B 248 -12.22 -21.24 23.68
N SER B 249 -11.28 -20.41 23.21
CA SER B 249 -10.24 -20.81 22.26
C SER B 249 -8.80 -20.66 22.78
N MET B 250 -8.62 -19.96 23.90
CA MET B 250 -7.28 -19.67 24.41
C MET B 250 -6.44 -20.89 24.86
N LEU B 251 -7.10 -21.91 25.42
CA LEU B 251 -6.37 -23.04 26.07
C LEU B 251 -5.70 -24.05 25.10
N LYS B 252 -6.36 -24.27 23.95
CA LYS B 252 -5.75 -24.63 22.65
C LYS B 252 -4.25 -24.34 22.60
N TYR B 253 -3.87 -23.11 22.95
CA TYR B 253 -2.47 -22.69 23.03
C TYR B 253 -1.56 -23.70 23.76
N LEU B 254 -1.99 -24.13 24.95
CA LEU B 254 -1.23 -25.15 25.76
C LEU B 254 -0.83 -26.43 25.01
N GLN B 255 -1.59 -26.76 23.99
CA GLN B 255 -1.41 -28.03 23.25
C GLN B 255 -0.59 -27.83 21.99
N ARG B 256 -0.21 -26.58 21.69
CA ARG B 256 0.42 -26.25 20.40
C ARG B 256 1.88 -25.86 20.53
N LYS B 257 2.71 -26.37 19.61
CA LYS B 257 4.06 -25.84 19.39
C LYS B 257 3.92 -24.58 18.51
N ILE B 258 4.92 -23.70 18.49
CA ILE B 258 4.77 -22.39 17.80
C ILE B 258 4.57 -22.44 16.29
N ASP B 259 4.94 -23.55 15.65
CA ASP B 259 4.67 -23.71 14.24
C ASP B 259 3.33 -24.45 13.97
N GLU B 260 2.51 -24.62 15.01
CA GLU B 260 1.19 -25.23 14.86
C GLU B 260 0.05 -24.30 15.23
N PHE B 261 0.26 -22.97 15.12
CA PHE B 261 -0.79 -21.97 15.42
C PHE B 261 -1.68 -21.72 14.19
N ARG C 3 14.17 29.74 -26.29
CA ARG C 3 14.50 28.31 -26.62
C ARG C 3 15.08 27.58 -25.39
N TYR C 4 14.54 26.40 -25.06
CA TYR C 4 15.03 25.60 -23.91
C TYR C 4 16.44 25.05 -24.14
N ARG C 5 17.30 25.22 -23.15
CA ARG C 5 18.69 24.74 -23.22
C ARG C 5 18.86 23.30 -22.70
N ASP C 6 18.19 23.01 -21.59
CA ASP C 6 18.44 21.77 -20.85
C ASP C 6 17.43 20.64 -21.11
N ILE C 7 16.36 20.94 -21.83
CA ILE C 7 15.33 19.95 -22.16
C ILE C 7 14.96 20.00 -23.66
N VAL C 8 14.46 18.89 -24.20
CA VAL C 8 13.90 18.86 -25.56
C VAL C 8 12.40 18.70 -25.42
N VAL C 9 11.63 19.49 -26.16
CA VAL C 9 10.18 19.41 -26.10
C VAL C 9 9.55 19.13 -27.49
N ARG C 10 8.87 18.00 -27.65
CA ARG C 10 8.16 17.70 -28.90
C ARG C 10 6.64 17.61 -28.71
N LYS C 11 5.89 18.51 -29.33
CA LYS C 11 4.42 18.36 -29.29
C LYS C 11 3.89 17.71 -30.56
N GLN C 12 3.26 16.54 -30.42
CA GLN C 12 2.89 15.77 -31.60
C GLN C 12 1.95 14.63 -31.25
N ASP C 13 1.00 14.34 -32.11
CA ASP C 13 0.17 13.13 -32.03
C ASP C 13 -0.72 13.04 -30.80
N GLY C 14 -1.12 14.18 -30.27
CA GLY C 14 -2.02 14.24 -29.12
C GLY C 14 -1.35 14.35 -27.76
N PHE C 15 -0.02 14.42 -27.74
CA PHE C 15 0.74 14.52 -26.49
C PHE C 15 2.01 15.40 -26.61
N THR C 16 2.53 15.85 -25.47
CA THR C 16 3.84 16.50 -25.41
C THR C 16 4.87 15.56 -24.79
N HIS C 17 5.98 15.38 -25.49
CA HIS C 17 7.12 14.62 -25.00
C HIS C 17 8.21 15.59 -24.51
N ILE C 18 8.51 15.54 -23.22
CA ILE C 18 9.59 16.31 -22.62
C ILE C 18 10.74 15.35 -22.35
N LEU C 19 11.93 15.69 -22.87
CA LEU C 19 13.11 14.89 -22.65
C LEU C 19 14.13 15.71 -21.88
N LEU C 20 14.55 15.18 -20.74
CA LEU C 20 15.67 15.71 -19.99
C LEU C 20 16.98 15.49 -20.75
N SER C 21 17.72 16.58 -20.95
CA SER C 21 18.99 16.55 -21.66
C SER C 21 19.83 17.77 -21.26
N THR C 22 20.25 17.82 -19.99
CA THR C 22 20.73 19.07 -19.37
C THR C 22 22.13 19.44 -19.90
N LYS C 23 22.34 20.75 -20.06
CA LYS C 23 23.64 21.32 -20.45
C LYS C 23 24.28 22.06 -19.29
N SER C 24 23.48 22.78 -18.50
CA SER C 24 24.01 23.53 -17.36
C SER C 24 24.46 22.64 -16.19
N SER C 25 24.10 21.36 -16.28
CA SER C 25 24.44 20.35 -15.28
C SER C 25 24.88 19.10 -16.02
N GLU C 26 25.58 18.20 -15.32
CA GLU C 26 25.88 16.88 -15.85
C GLU C 26 24.87 15.82 -15.39
N ASN C 27 24.79 14.71 -16.12
CA ASN C 27 23.95 13.55 -15.78
C ASN C 27 22.50 13.93 -15.44
N ASN C 28 21.91 14.78 -16.27
CA ASN C 28 20.56 15.28 -16.06
C ASN C 28 20.28 15.65 -14.60
N SER C 29 21.30 16.18 -13.95
CA SER C 29 21.12 16.80 -12.66
C SER C 29 20.18 18.02 -12.74
N LEU C 30 19.57 18.36 -11.60
CA LEU C 30 18.57 19.42 -11.53
C LEU C 30 19.13 20.60 -10.77
N ASN C 31 19.29 21.70 -11.46
CA ASN C 31 19.61 22.96 -10.81
C ASN C 31 18.34 23.78 -11.05
N PRO C 32 18.20 24.95 -10.39
CA PRO C 32 17.03 25.80 -10.60
C PRO C 32 16.70 26.20 -12.05
N GLU C 33 17.70 26.31 -12.93
CA GLU C 33 17.44 26.59 -14.37
C GLU C 33 16.71 25.44 -15.07
N VAL C 34 17.17 24.21 -14.82
CA VAL C 34 16.53 22.99 -15.38
C VAL C 34 15.08 22.87 -14.89
N MET C 35 14.87 23.10 -13.60
CA MET C 35 13.55 22.97 -12.99
C MET C 35 12.57 23.98 -13.59
N ARG C 36 13.03 25.23 -13.79
CA ARG C 36 12.23 26.29 -14.45
C ARG C 36 11.82 25.92 -15.87
N GLU C 37 12.74 25.36 -16.65
CA GLU C 37 12.39 24.91 -18.00
C GLU C 37 11.37 23.77 -18.02
N VAL C 38 11.47 22.88 -17.02
CA VAL C 38 10.53 21.75 -16.91
C VAL C 38 9.15 22.32 -16.58
N GLN C 39 9.11 23.17 -15.56
CA GLN C 39 7.90 23.89 -15.18
C GLN C 39 7.23 24.64 -16.34
N SER C 40 8.04 25.30 -17.17
CA SER C 40 7.54 26.11 -18.25
C SER C 40 7.01 25.21 -19.37
N ALA C 41 7.73 24.13 -19.68
CA ALA C 41 7.22 23.13 -20.62
C ALA C 41 5.91 22.43 -20.14
N LEU C 42 5.77 22.26 -18.82
CA LEU C 42 4.53 21.72 -18.24
C LEU C 42 3.39 22.74 -18.28
N SER C 43 3.69 24.02 -18.04
CA SER C 43 2.65 25.07 -18.20
C SER C 43 1.98 25.04 -19.54
N THR C 44 2.78 24.91 -20.59
CA THR C 44 2.31 25.00 -21.96
C THR C 44 1.52 23.73 -22.37
N ALA C 45 1.99 22.54 -21.95
CA ALA C 45 1.23 21.30 -22.10
C ALA C 45 -0.10 21.32 -21.35
N ALA C 46 -0.14 21.99 -20.19
CA ALA C 46 -1.37 22.08 -19.39
C ALA C 46 -2.42 22.97 -20.08
N ALA C 47 -1.93 23.98 -20.78
CA ALA C 47 -2.78 24.93 -21.49
C ALA C 47 -3.18 24.46 -22.90
N ASP C 48 -2.30 23.79 -23.64
CA ASP C 48 -2.66 23.43 -25.02
C ASP C 48 -3.50 22.17 -25.14
N ASP C 49 -3.63 21.64 -26.34
CA ASP C 49 -4.53 20.52 -26.58
C ASP C 49 -3.88 19.11 -26.33
N SER C 50 -2.63 19.11 -25.83
CA SER C 50 -1.96 17.90 -25.29
C SER C 50 -2.91 17.09 -24.41
N LYS C 51 -2.99 15.79 -24.66
CA LYS C 51 -3.81 14.91 -23.85
C LYS C 51 -3.08 14.36 -22.60
N LEU C 52 -1.76 14.30 -22.67
CA LEU C 52 -0.88 13.73 -21.63
C LEU C 52 0.53 14.18 -21.95
N VAL C 53 1.44 13.98 -21.02
CA VAL C 53 2.86 14.29 -21.14
C VAL C 53 3.63 13.00 -20.95
N LEU C 54 4.50 12.67 -21.91
CA LEU C 54 5.53 11.68 -21.73
C LEU C 54 6.82 12.36 -21.27
N LEU C 55 7.34 11.95 -20.12
CA LEU C 55 8.64 12.40 -19.63
C LEU C 55 9.68 11.27 -19.79
N SER C 56 10.80 11.57 -20.46
CA SER C 56 11.94 10.67 -20.48
C SER C 56 13.23 11.48 -20.49
N ALA C 57 14.32 10.80 -20.83
CA ALA C 57 15.67 11.38 -20.67
C ALA C 57 16.54 10.94 -21.83
N VAL C 58 17.42 11.86 -22.25
CA VAL C 58 18.52 11.55 -23.19
C VAL C 58 19.75 11.23 -22.36
N GLY C 59 20.50 10.23 -22.79
CA GLY C 59 21.73 9.88 -22.10
C GLY C 59 21.56 8.58 -21.35
N SER C 60 22.59 8.20 -20.63
CA SER C 60 22.55 6.94 -19.88
C SER C 60 21.94 7.07 -18.45
N VAL C 61 21.58 8.28 -18.05
CA VAL C 61 21.07 8.56 -16.73
C VAL C 61 19.70 9.21 -16.91
N PHE C 62 18.70 8.76 -16.17
CA PHE C 62 17.40 9.46 -16.19
C PHE C 62 17.55 10.83 -15.54
N CYS C 63 17.95 10.83 -14.28
CA CYS C 63 18.08 12.05 -13.47
C CYS C 63 18.74 11.79 -12.13
N CYS C 64 19.88 12.45 -11.93
CA CYS C 64 20.68 12.39 -10.72
C CYS C 64 20.20 13.20 -9.56
N GLY C 65 19.02 13.81 -9.67
CA GLY C 65 18.54 14.66 -8.59
C GLY C 65 19.28 15.97 -8.54
N LEU C 66 19.33 16.58 -7.36
CA LEU C 66 19.99 17.86 -7.19
C LEU C 66 21.46 17.89 -7.61
N ASP C 67 21.82 18.89 -8.40
CA ASP C 67 23.21 19.25 -8.72
C ASP C 67 23.87 19.81 -7.48
N PHE C 68 24.53 18.97 -6.67
CA PHE C 68 25.06 19.43 -5.38
C PHE C 68 26.34 20.24 -5.47
N ILE C 69 27.04 20.12 -6.59
CA ILE C 69 28.19 20.97 -6.83
C ILE C 69 27.77 22.36 -7.33
N TYR C 70 26.88 22.44 -8.33
CA TYR C 70 26.26 23.73 -8.65
C TYR C 70 25.83 24.41 -7.34
N PHE C 71 25.20 23.62 -6.46
CA PHE C 71 24.64 24.12 -5.22
C PHE C 71 25.72 24.50 -4.20
N ILE C 72 26.80 23.74 -4.15
CA ILE C 72 27.88 24.07 -3.21
C ILE C 72 28.47 25.45 -3.57
N ARG C 73 28.87 25.60 -4.84
CA ARG C 73 29.26 26.89 -5.41
C ARG C 73 28.38 28.03 -4.88
N ARG C 74 27.06 27.94 -5.06
CA ARG C 74 26.16 28.99 -4.61
C ARG C 74 26.11 29.14 -3.09
N LEU C 75 26.35 28.05 -2.37
CA LEU C 75 26.17 28.05 -0.91
C LEU C 75 27.20 28.92 -0.20
N THR C 76 28.44 28.82 -0.66
CA THR C 76 29.53 29.61 -0.10
C THR C 76 29.79 30.89 -0.90
N ASP C 77 28.71 31.48 -1.41
CA ASP C 77 28.69 32.88 -1.80
C ASP C 77 27.56 33.60 -1.04
N ASP C 78 26.73 32.81 -0.35
CA ASP C 78 25.66 33.32 0.53
C ASP C 78 24.68 32.22 1.00
N ARG C 79 25.02 31.53 2.09
CA ARG C 79 24.14 30.51 2.67
C ARG C 79 22.69 30.96 2.71
N LYS C 80 22.38 31.92 3.58
CA LYS C 80 20.99 32.36 3.79
C LYS C 80 20.18 32.60 2.49
N ARG C 81 20.75 33.35 1.54
CA ARG C 81 20.02 33.65 0.30
C ARG C 81 19.92 32.42 -0.61
N GLU C 82 20.97 31.60 -0.63
CA GLU C 82 21.07 30.48 -1.57
C GLU C 82 20.46 29.17 -1.07
N SER C 83 20.37 29.04 0.26
CA SER C 83 19.70 27.90 0.89
C SER C 83 18.20 28.12 0.83
N THR C 84 17.77 29.38 1.01
CA THR C 84 16.38 29.79 0.83
C THR C 84 15.92 29.63 -0.62
N LYS C 85 16.75 30.07 -1.56
CA LYS C 85 16.44 29.96 -2.97
C LYS C 85 16.31 28.50 -3.46
N MET C 86 17.26 27.65 -3.08
CA MET C 86 17.24 26.23 -3.47
C MET C 86 16.05 25.48 -2.87
N ALA C 87 15.80 25.68 -1.58
CA ALA C 87 14.63 25.09 -0.94
C ALA C 87 13.39 25.50 -1.69
N GLU C 88 13.24 26.80 -1.93
CA GLU C 88 12.02 27.30 -2.54
C GLU C 88 11.87 26.86 -3.98
N ALA C 89 13.00 26.67 -4.66
CA ALA C 89 12.99 26.15 -6.04
C ALA C 89 12.52 24.69 -6.04
N ILE C 90 13.02 23.89 -5.10
CA ILE C 90 12.53 22.50 -4.94
C ILE C 90 11.02 22.48 -4.72
N ARG C 91 10.57 23.29 -3.76
CA ARG C 91 9.17 23.41 -3.39
C ARG C 91 8.24 23.75 -4.55
N ASN C 92 8.63 24.69 -5.42
CA ASN C 92 7.87 25.07 -6.63
C ASN C 92 7.92 24.01 -7.73
N PHE C 93 9.09 23.40 -7.92
CA PHE C 93 9.24 22.28 -8.85
C PHE C 93 8.26 21.15 -8.42
N VAL C 94 8.39 20.68 -7.17
CA VAL C 94 7.50 19.62 -6.63
C VAL C 94 6.03 20.04 -6.76
N ASN C 95 5.71 21.27 -6.36
CA ASN C 95 4.36 21.75 -6.51
C ASN C 95 3.78 21.74 -7.94
N THR C 96 4.61 21.95 -8.96
CA THR C 96 4.16 21.84 -10.35
C THR C 96 3.59 20.46 -10.62
N PHE C 97 4.25 19.39 -10.13
CA PHE C 97 3.77 18.04 -10.35
C PHE C 97 2.50 17.78 -9.56
N ILE C 98 2.45 18.28 -8.33
CA ILE C 98 1.28 18.10 -7.47
C ILE C 98 0.02 18.67 -8.16
N GLN C 99 0.15 19.85 -8.76
CA GLN C 99 -1.01 20.53 -9.38
C GLN C 99 -1.32 20.14 -10.83
N PHE C 100 -0.38 19.53 -11.54
CA PHE C 100 -0.55 19.24 -12.94
C PHE C 100 -1.75 18.30 -13.20
N LYS C 101 -2.65 18.69 -14.12
CA LYS C 101 -3.99 18.06 -14.23
C LYS C 101 -4.07 16.90 -15.21
N LYS C 102 -3.18 16.85 -16.19
CA LYS C 102 -3.19 15.81 -17.17
C LYS C 102 -2.26 14.66 -16.75
N PRO C 103 -2.46 13.44 -17.30
CA PRO C 103 -1.51 12.36 -16.98
C PRO C 103 -0.06 12.64 -17.41
N ILE C 104 0.90 12.32 -16.52
CA ILE C 104 2.31 12.33 -16.80
C ILE C 104 2.80 10.87 -16.77
N ILE C 105 3.16 10.37 -17.95
CA ILE C 105 3.79 9.06 -18.05
C ILE C 105 5.31 9.26 -18.09
N VAL C 106 6.06 8.47 -17.33
CA VAL C 106 7.50 8.59 -17.28
C VAL C 106 8.11 7.29 -17.85
N ALA C 107 9.09 7.44 -18.74
CA ALA C 107 9.91 6.28 -19.22
C ALA C 107 11.33 6.44 -18.65
N VAL C 108 11.75 5.49 -17.81
CA VAL C 108 13.01 5.60 -17.08
C VAL C 108 13.95 4.54 -17.64
N ASN C 109 15.05 5.00 -18.20
CA ASN C 109 15.97 4.19 -18.97
C ASN C 109 17.39 4.12 -18.36
N GLY C 110 17.55 4.66 -17.15
CA GLY C 110 18.81 4.66 -16.37
C GLY C 110 18.56 5.12 -14.94
N PRO C 111 19.62 5.39 -14.14
CA PRO C 111 19.50 5.80 -12.74
C PRO C 111 18.58 6.99 -12.49
N ALA C 112 17.76 6.88 -11.45
CA ALA C 112 16.97 7.99 -10.94
C ALA C 112 17.29 8.11 -9.48
N ILE C 113 17.85 9.26 -9.11
CA ILE C 113 18.48 9.43 -7.81
C ILE C 113 17.96 10.67 -7.10
N GLY C 114 17.70 10.54 -5.81
CA GLY C 114 17.26 11.64 -4.98
C GLY C 114 15.93 12.17 -5.49
N LEU C 115 15.90 13.48 -5.82
CA LEU C 115 14.72 14.13 -6.36
C LEU C 115 14.28 13.56 -7.72
N GLY C 116 15.21 13.03 -8.52
CA GLY C 116 14.86 12.28 -9.74
C GLY C 116 14.05 10.99 -9.53
N ALA C 117 14.18 10.35 -8.37
CA ALA C 117 13.32 9.22 -7.95
C ALA C 117 12.05 9.69 -7.20
N SER C 118 12.22 10.67 -6.30
CA SER C 118 11.15 11.17 -5.43
C SER C 118 9.97 11.72 -6.17
N ILE C 119 10.26 12.36 -7.31
CA ILE C 119 9.25 13.00 -8.15
C ILE C 119 8.38 11.95 -8.83
N LEU C 120 8.89 10.73 -8.94
CA LEU C 120 8.16 9.69 -9.66
C LEU C 120 6.74 9.39 -9.11
N PRO C 121 6.59 9.23 -7.77
CA PRO C 121 5.21 9.03 -7.25
C PRO C 121 4.18 10.16 -7.51
N LEU C 122 4.63 11.30 -7.99
CA LEU C 122 3.77 12.44 -8.28
C LEU C 122 3.38 12.46 -9.75
N CYS C 123 4.02 11.63 -10.57
CA CYS C 123 3.61 11.40 -11.93
C CYS C 123 2.56 10.29 -11.91
N ASP C 124 2.13 9.82 -13.06
CA ASP C 124 0.99 8.92 -13.06
C ASP C 124 1.38 7.43 -13.28
N VAL C 125 2.08 7.13 -14.36
CA VAL C 125 2.54 5.78 -14.70
C VAL C 125 4.06 5.88 -14.89
N VAL C 126 4.79 4.83 -14.49
CA VAL C 126 6.21 4.81 -14.62
C VAL C 126 6.59 3.47 -15.25
N TRP C 127 7.17 3.56 -16.44
CA TRP C 127 7.64 2.40 -17.16
C TRP C 127 9.14 2.43 -17.20
N ALA C 128 9.76 1.29 -16.90
CA ALA C 128 11.17 1.27 -16.74
C ALA C 128 11.77 0.10 -17.51
N ASN C 129 13.05 0.20 -17.86
CA ASN C 129 13.72 -1.02 -18.33
C ASN C 129 14.73 -1.48 -17.29
N GLU C 130 15.41 -2.60 -17.50
CA GLU C 130 16.45 -3.09 -16.56
C GLU C 130 17.68 -2.19 -16.39
N LYS C 131 17.92 -1.22 -17.27
CA LYS C 131 19.05 -0.31 -17.03
C LYS C 131 18.70 0.71 -15.94
N ALA C 132 17.41 0.78 -15.58
CA ALA C 132 16.99 1.77 -14.63
C ALA C 132 17.29 1.18 -13.25
N TRP C 133 17.74 2.05 -12.35
CA TRP C 133 17.76 1.73 -10.94
C TRP C 133 17.44 2.99 -10.20
N PHE C 134 17.17 2.87 -8.90
CA PHE C 134 16.50 3.96 -8.12
C PHE C 134 17.11 4.06 -6.74
N GLN C 135 17.35 5.29 -6.28
CA GLN C 135 17.95 5.50 -4.96
C GLN C 135 17.61 6.88 -4.44
N THR C 136 17.48 7.01 -3.13
CA THR C 136 17.23 8.30 -2.49
C THR C 136 18.29 8.42 -1.35
N PRO C 137 19.56 8.73 -1.71
CA PRO C 137 20.63 8.78 -0.71
C PRO C 137 20.66 10.08 0.10
N TYR C 138 19.53 10.43 0.69
CA TYR C 138 19.40 11.66 1.46
C TYR C 138 20.33 11.71 2.67
N THR C 139 20.38 10.64 3.44
CA THR C 139 21.04 10.73 4.75
C THR C 139 22.56 10.81 4.55
N THR C 140 23.03 10.17 3.48
CA THR C 140 24.43 10.20 3.08
C THR C 140 24.87 11.64 2.75
N PHE C 141 24.03 12.39 2.03
CA PHE C 141 24.29 13.80 1.75
C PHE C 141 24.01 14.73 2.93
N GLY C 142 23.49 14.17 4.02
CA GLY C 142 23.14 14.95 5.19
C GLY C 142 21.89 15.79 4.96
N GLN C 143 21.05 15.41 4.00
CA GLN C 143 19.73 16.05 3.86
C GLN C 143 18.57 15.15 4.26
N SER C 144 17.47 15.81 4.58
CA SER C 144 16.21 15.11 4.77
C SER C 144 15.57 14.96 3.40
N PRO C 145 14.53 14.12 3.28
CA PRO C 145 13.92 13.82 1.99
C PRO C 145 13.13 14.98 1.36
N ASP C 146 12.94 14.91 0.04
CA ASP C 146 12.13 15.88 -0.71
C ASP C 146 11.18 15.19 -1.71
N GLY C 147 10.50 15.98 -2.54
CA GLY C 147 9.55 15.43 -3.52
C GLY C 147 8.30 14.78 -2.94
N CYS C 148 7.97 15.09 -1.67
CA CYS C 148 6.87 14.47 -0.92
C CYS C 148 7.12 12.99 -0.61
N SER C 149 8.35 12.53 -0.83
CA SER C 149 8.69 11.15 -0.53
C SER C 149 8.44 10.76 0.95
N THR C 150 8.49 11.70 1.90
CA THR C 150 8.22 11.39 3.31
C THR C 150 6.81 10.85 3.54
N VAL C 151 5.87 11.23 2.68
CA VAL C 151 4.51 10.67 2.68
C VAL C 151 4.27 9.62 1.57
N MET C 152 4.76 9.87 0.38
CA MET C 152 4.48 9.02 -0.76
C MET C 152 5.19 7.66 -0.72
N PHE C 153 6.41 7.62 -0.24
CA PHE C 153 7.15 6.33 -0.19
C PHE C 153 6.47 5.33 0.79
N PRO C 154 6.17 5.74 2.05
CA PRO C 154 5.35 4.81 2.87
C PRO C 154 4.03 4.34 2.24
N LYS C 155 3.36 5.21 1.50
CA LYS C 155 2.09 4.90 0.84
C LYS C 155 2.26 3.86 -0.28
N ILE C 156 3.35 3.89 -0.99
CA ILE C 156 3.52 2.98 -2.15
C ILE C 156 4.28 1.67 -1.80
N MET C 157 5.11 1.68 -0.75
CA MET C 157 5.92 0.51 -0.40
C MET C 157 5.81 -0.01 1.03
N GLY C 158 5.11 0.76 1.85
CA GLY C 158 5.00 0.47 3.31
C GLY C 158 6.17 1.10 4.07
N GLY C 159 5.96 1.38 5.36
CA GLY C 159 6.98 2.01 6.21
C GLY C 159 8.36 1.35 6.19
N ALA C 160 8.43 0.02 6.36
CA ALA C 160 9.75 -0.66 6.45
C ALA C 160 10.60 -0.37 5.21
N SER C 161 10.03 -0.57 4.02
CA SER C 161 10.76 -0.34 2.78
C SER C 161 11.05 1.14 2.53
N ALA C 162 10.08 2.01 2.81
CA ALA C 162 10.28 3.45 2.70
C ALA C 162 11.43 3.94 3.60
N ASN C 163 11.43 3.58 4.89
CA ASN C 163 12.52 3.94 5.78
C ASN C 163 13.86 3.40 5.35
N GLU C 164 13.91 2.17 4.84
CA GLU C 164 15.14 1.66 4.26
C GLU C 164 15.65 2.53 3.06
N MET C 165 14.76 2.93 2.16
CA MET C 165 15.09 3.89 1.08
C MET C 165 15.55 5.22 1.64
N LEU C 166 14.77 5.83 2.53
CA LEU C 166 15.00 7.22 2.98
C LEU C 166 16.15 7.37 3.99
N LEU C 167 16.29 6.39 4.88
CA LEU C 167 17.33 6.42 5.92
C LEU C 167 18.61 5.74 5.51
N SER C 168 18.50 4.63 4.79
CA SER C 168 19.66 3.78 4.51
C SER C 168 20.27 3.95 3.14
N GLY C 169 19.60 4.65 2.24
CA GLY C 169 20.17 4.87 0.91
C GLY C 169 20.24 3.64 0.03
N ARG C 170 19.35 2.67 0.28
CA ARG C 170 19.29 1.46 -0.55
C ARG C 170 19.03 1.75 -2.03
N LYS C 171 19.74 1.04 -2.92
CA LYS C 171 19.54 1.13 -4.36
C LYS C 171 18.61 -0.01 -4.83
N LEU C 172 17.59 0.30 -5.60
CA LEU C 172 16.65 -0.74 -6.08
C LEU C 172 16.87 -0.95 -7.53
N THR C 173 16.96 -2.20 -7.96
CA THR C 173 16.89 -2.50 -9.37
C THR C 173 15.51 -2.19 -9.90
N ALA C 174 15.36 -2.19 -11.24
CA ALA C 174 14.04 -1.92 -11.83
C ALA C 174 12.98 -2.91 -11.34
N GLN C 175 13.32 -4.21 -11.32
CA GLN C 175 12.39 -5.23 -10.77
C GLN C 175 12.02 -4.95 -9.30
N GLU C 176 13.01 -4.64 -8.46
CA GLU C 176 12.75 -4.31 -7.05
C GLU C 176 11.90 -3.04 -6.89
N ALA C 177 12.20 -2.01 -7.67
CA ALA C 177 11.37 -0.77 -7.67
C ALA C 177 9.92 -1.08 -8.08
N CYS C 178 9.73 -2.05 -8.96
CA CYS C 178 8.40 -2.45 -9.35
C CYS C 178 7.65 -3.16 -8.19
N GLY C 179 8.31 -4.09 -7.50
CA GLY C 179 7.75 -4.75 -6.30
C GLY C 179 7.45 -3.78 -5.17
N LYS C 180 8.18 -2.68 -5.14
CA LYS C 180 8.02 -1.66 -4.09
C LYS C 180 7.14 -0.44 -4.49
N GLY C 181 6.38 -0.59 -5.56
CA GLY C 181 5.37 0.35 -5.99
C GLY C 181 5.84 1.63 -6.69
N LEU C 182 7.16 1.74 -6.96
CA LEU C 182 7.74 2.92 -7.57
C LEU C 182 7.59 2.87 -9.10
N VAL C 183 7.62 1.67 -9.68
CA VAL C 183 7.55 1.49 -11.16
C VAL C 183 6.29 0.68 -11.45
N SER C 184 5.51 1.07 -12.48
CA SER C 184 4.28 0.39 -12.96
C SER C 184 4.62 -0.98 -13.59
N GLN C 185 5.60 -0.98 -14.49
CA GLN C 185 5.95 -2.18 -15.27
C GLN C 185 7.36 -2.04 -15.82
N VAL C 186 8.08 -3.18 -15.83
CA VAL C 186 9.46 -3.24 -16.32
C VAL C 186 9.45 -3.92 -17.70
N PHE C 187 10.16 -3.32 -18.68
CA PHE C 187 10.19 -3.85 -20.06
C PHE C 187 11.61 -4.26 -20.42
N TRP C 188 11.75 -5.15 -21.41
CA TRP C 188 13.09 -5.51 -21.93
C TRP C 188 13.70 -4.29 -22.62
N PRO C 189 15.01 -4.01 -22.40
CA PRO C 189 15.65 -2.83 -23.02
C PRO C 189 15.59 -2.84 -24.53
N GLY C 190 15.57 -4.03 -25.15
CA GLY C 190 15.52 -4.13 -26.62
C GLY C 190 14.30 -3.46 -27.21
N THR C 191 13.13 -3.71 -26.61
CA THR C 191 11.86 -3.21 -27.12
C THR C 191 11.21 -2.13 -26.25
N PHE C 192 11.97 -1.59 -25.30
CA PHE C 192 11.45 -0.63 -24.36
C PHE C 192 10.77 0.53 -25.12
N THR C 193 11.47 1.19 -26.05
CA THR C 193 10.90 2.36 -26.76
C THR C 193 9.61 2.04 -27.49
N GLN C 194 9.63 0.94 -28.25
CA GLN C 194 8.44 0.42 -28.90
C GLN C 194 7.26 0.18 -27.95
N GLU C 195 7.52 -0.50 -26.83
CA GLU C 195 6.50 -0.80 -25.83
C GLU C 195 5.92 0.47 -25.26
N VAL C 196 6.76 1.45 -24.94
CA VAL C 196 6.27 2.69 -24.37
C VAL C 196 5.37 3.39 -25.39
N MET C 197 5.81 3.43 -26.65
CA MET C 197 5.14 4.24 -27.65
C MET C 197 3.79 3.69 -28.09
N VAL C 198 3.71 2.37 -28.17
CA VAL C 198 2.43 1.71 -28.45
C VAL C 198 1.40 2.04 -27.36
N ARG C 199 1.84 2.07 -26.11
CA ARG C 199 0.96 2.37 -24.99
C ARG C 199 0.61 3.85 -24.94
N ILE C 200 1.57 4.71 -25.26
CA ILE C 200 1.30 6.15 -25.36
C ILE C 200 0.27 6.46 -26.45
N LYS C 201 0.43 5.80 -27.61
CA LYS C 201 -0.55 5.97 -28.68
C LYS C 201 -1.95 5.52 -28.26
N GLU C 202 -2.05 4.42 -27.53
CA GLU C 202 -3.37 3.95 -27.03
C GLU C 202 -4.01 4.96 -26.06
N LEU C 203 -3.23 5.48 -25.11
CA LEU C 203 -3.73 6.50 -24.18
C LEU C 203 -4.13 7.79 -24.89
N ALA C 204 -3.33 8.20 -25.88
CA ALA C 204 -3.63 9.44 -26.60
C ALA C 204 -4.88 9.29 -27.50
N SER C 205 -5.28 8.07 -27.84
CA SER C 205 -6.53 7.84 -28.59
C SER C 205 -7.80 7.87 -27.73
N CYS C 206 -7.63 7.88 -26.40
CA CYS C 206 -8.75 7.88 -25.46
C CYS C 206 -9.36 9.26 -25.39
N ASN C 207 -10.59 9.35 -24.89
CA ASN C 207 -11.18 10.65 -24.66
C ASN C 207 -10.36 11.36 -23.59
N PRO C 208 -9.82 12.54 -23.93
CA PRO C 208 -9.02 13.37 -23.02
C PRO C 208 -9.74 13.81 -21.75
N VAL C 209 -11.04 14.06 -21.86
CA VAL C 209 -11.87 14.41 -20.71
C VAL C 209 -11.99 13.25 -19.72
N VAL C 210 -12.13 12.03 -20.22
CA VAL C 210 -12.17 10.82 -19.40
C VAL C 210 -10.82 10.63 -18.69
N LEU C 211 -9.72 10.90 -19.40
CA LEU C 211 -8.37 10.86 -18.79
C LEU C 211 -8.20 11.83 -17.62
N GLU C 212 -8.60 13.07 -17.85
CA GLU C 212 -8.44 14.10 -16.86
C GLU C 212 -9.37 13.90 -15.68
N GLU C 213 -10.62 13.52 -15.92
CA GLU C 213 -11.59 13.15 -14.84
C GLU C 213 -11.06 12.01 -13.97
N SER C 214 -10.49 11.00 -14.64
CA SER C 214 -9.92 9.85 -13.94
C SER C 214 -8.73 10.27 -13.05
N LYS C 215 -7.84 11.10 -13.58
CA LYS C 215 -6.71 11.57 -12.82
C LYS C 215 -7.19 12.39 -11.62
N ALA C 216 -8.14 13.31 -11.87
CA ALA C 216 -8.71 14.12 -10.80
C ALA C 216 -9.31 13.29 -9.66
N LEU C 217 -10.13 12.31 -9.98
CA LEU C 217 -10.60 11.38 -8.96
C LEU C 217 -9.47 10.64 -8.18
N VAL C 218 -8.38 10.26 -8.86
CA VAL C 218 -7.31 9.53 -8.16
C VAL C 218 -6.58 10.52 -7.22
N ARG C 219 -6.40 11.76 -7.68
CA ARG C 219 -5.46 12.68 -7.05
C ARG C 219 -6.16 13.51 -5.94
N CYS C 220 -7.48 13.52 -5.89
CA CYS C 220 -8.15 14.51 -5.03
C CYS C 220 -8.04 14.28 -3.55
N ASN C 221 -8.13 13.03 -3.10
CA ASN C 221 -7.91 12.69 -1.67
C ASN C 221 -6.50 12.98 -1.11
N MET C 222 -5.52 13.27 -1.98
CA MET C 222 -4.13 13.38 -1.51
C MET C 222 -3.53 14.77 -1.67
N LYS C 223 -4.20 15.61 -2.46
CA LYS C 223 -3.62 16.87 -2.92
C LYS C 223 -3.21 17.81 -1.76
N MET C 224 -4.04 17.92 -0.75
CA MET C 224 -3.74 18.79 0.38
C MET C 224 -2.59 18.19 1.22
N GLU C 225 -2.67 16.88 1.43
CA GLU C 225 -1.57 16.18 2.08
C GLU C 225 -0.23 16.30 1.37
N LEU C 226 -0.24 16.31 0.05
CA LEU C 226 0.99 16.39 -0.73
C LEU C 226 1.58 17.78 -0.63
N GLU C 227 0.72 18.80 -0.70
CA GLU C 227 1.09 20.20 -0.54
C GLU C 227 1.69 20.46 0.84
N GLN C 228 1.02 19.98 1.90
CA GLN C 228 1.52 20.06 3.28
C GLN C 228 2.83 19.30 3.50
N ALA C 229 2.98 18.12 2.87
CA ALA C 229 4.25 17.40 2.97
C ALA C 229 5.40 18.18 2.30
N ASN C 230 5.14 18.71 1.09
CA ASN C 230 6.10 19.49 0.31
C ASN C 230 6.56 20.70 1.17
N GLU C 231 5.61 21.38 1.80
CA GLU C 231 5.90 22.49 2.74
C GLU C 231 6.79 22.06 3.91
N ARG C 232 6.38 21.01 4.64
CA ARG C 232 7.21 20.45 5.72
C ARG C 232 8.63 20.08 5.30
N GLU C 233 8.77 19.34 4.21
CA GLU C 233 10.10 18.90 3.75
C GLU C 233 11.00 20.12 3.48
N CYS C 234 10.42 21.13 2.82
CA CYS C 234 11.19 22.26 2.38
C CYS C 234 11.57 23.18 3.56
N GLU C 235 10.74 23.20 4.63
CA GLU C 235 11.12 23.86 5.89
C GLU C 235 12.28 23.18 6.59
N VAL C 236 12.32 21.84 6.59
CA VAL C 236 13.39 21.10 7.22
C VAL C 236 14.69 21.23 6.41
N LEU C 237 14.58 21.38 5.10
CA LEU C 237 15.76 21.65 4.25
C LEU C 237 16.37 23.07 4.47
N LYS C 238 15.51 24.09 4.62
CA LYS C 238 15.92 25.43 5.02
C LYS C 238 16.69 25.43 6.33
N LYS C 239 16.14 24.79 7.36
CA LYS C 239 16.80 24.57 8.64
C LYS C 239 18.21 23.95 8.49
N ILE C 240 18.34 22.93 7.65
CA ILE C 240 19.60 22.17 7.49
C ILE C 240 20.64 22.91 6.64
N TRP C 241 20.22 23.37 5.46
CA TRP C 241 21.11 24.05 4.54
C TRP C 241 21.46 25.46 4.98
N GLY C 242 20.60 26.04 5.83
CA GLY C 242 20.77 27.41 6.28
C GLY C 242 21.93 27.50 7.23
N SER C 243 22.04 26.50 8.10
CA SER C 243 23.09 26.44 9.11
C SER C 243 24.48 26.18 8.52
N ALA C 244 25.50 26.45 9.32
CA ALA C 244 26.89 26.30 8.88
C ALA C 244 27.26 24.83 8.57
N GLN C 245 26.91 23.91 9.47
CA GLN C 245 27.35 22.49 9.42
C GLN C 245 26.35 21.50 8.77
N GLY C 246 25.73 21.95 7.68
CA GLY C 246 24.78 21.14 6.94
C GLY C 246 25.25 20.77 5.56
N MET C 247 26.46 21.19 5.20
CA MET C 247 27.12 20.68 4.00
C MET C 247 28.24 19.69 4.35
N ASP C 248 28.38 19.47 5.66
CA ASP C 248 29.37 18.56 6.24
C ASP C 248 29.32 17.13 5.74
N SER C 249 28.14 16.59 5.46
CA SER C 249 28.05 15.22 4.94
C SER C 249 28.30 15.13 3.43
N MET C 250 27.95 16.17 2.68
CA MET C 250 28.12 16.18 1.22
C MET C 250 29.60 15.92 0.81
N LEU C 251 29.85 14.68 0.35
CA LEU C 251 31.15 13.98 0.57
C LEU C 251 31.86 13.36 -0.64
N LYS C 252 33.20 13.35 -0.55
CA LYS C 252 34.09 12.75 -1.56
C LYS C 252 35.51 12.56 -1.02
#